data_5J63
#
_entry.id   5J63
#
_cell.length_a   75.994
_cell.length_b   76.206
_cell.length_c   84.852
_cell.angle_alpha   89.94
_cell.angle_beta   63.78
_cell.angle_gamma   61.54
#
_symmetry.space_group_name_H-M   'P 1'
#
loop_
_entity.id
_entity.type
_entity.pdbx_description
1 polymer 'Bifunctional polymyxin resistance protein ArnA'
2 non-polymer '(2R,3R,4S,5S)-5-amino-3,4-dihydroxytetrahydro-2H-pyran-2-yl [(2R,3S,4R,5R)-5-(2,4-dioxo-3,4-dihydropyrimidin-1(2H)-yl)-3,4-dihydroxytetrahydrofuran-2-yl]methyl dihydrogen diphosphate'
3 non-polymer (4aS,6S)-2-amino-6-{(E)-[(4-methylphenyl)imino]methyl}-4-oxo-4,6,7,8-tetrahydropteridine-5(4aH)-carbaldehyde
4 water water
#
_entity_poly.entity_id   1
_entity_poly.type   'polypeptide(L)'
_entity_poly.pdbx_seq_one_letter_code
;GHMKTVVFAYHDMGCLGIEALLAAGYEISAIFTHTDNPGEKAFYGSVARLAAERGIPVYAPDNVNHPLWVERIAQLSPDV
IFSFYYRHLIYDEILQLAPAGAFNLHGSLLPKYRGRAPLNWVLVNGETETGVTLHRMVKRADAGAIVAQLRIAIAPDDIA
ITLHHKLCHAARQLLEQTLPAIKHGNILEIAQRENEATCFGRRTPDDSFLEWHKPASVLHNMVRAVADPWPGAFSYVGNQ
KFTVWSSRVHPHASKAQPGSVISVAPLLIACGDGALEIVTGQAGDGITMQGSQLAQTLGLVQGSRLNS
;
_entity_poly.pdbx_strand_id   A,B,C,D
#
# COMPACT_ATOMS: atom_id res chain seq x y z
N MET A 3 -7.79 34.25 -23.74
CA MET A 3 -6.74 34.40 -22.68
C MET A 3 -6.06 33.06 -22.34
N LYS A 4 -4.76 33.10 -22.08
CA LYS A 4 -3.93 31.91 -21.88
C LYS A 4 -3.47 31.78 -20.43
N THR A 5 -3.46 30.55 -19.93
CA THR A 5 -3.27 30.30 -18.53
C THR A 5 -2.50 29.01 -18.21
N VAL A 6 -1.63 29.07 -17.20
CA VAL A 6 -1.04 27.88 -16.61
C VAL A 6 -1.54 27.75 -15.17
N VAL A 7 -1.91 26.52 -14.81
CA VAL A 7 -2.79 26.22 -13.70
C VAL A 7 -2.18 25.24 -12.67
N PHE A 8 -2.43 25.48 -11.40
CA PHE A 8 -1.83 24.68 -10.33
C PHE A 8 -2.99 24.21 -9.48
N ALA A 9 -3.33 22.92 -9.57
CA ALA A 9 -4.57 22.40 -9.01
C ALA A 9 -4.54 20.92 -8.55
N TYR A 10 -5.39 20.62 -7.58
CA TYR A 10 -5.59 19.27 -7.08
C TYR A 10 -6.93 19.27 -6.35
N HIS A 11 -7.56 18.08 -6.25
CA HIS A 11 -8.79 17.87 -5.42
C HIS A 11 -10.06 18.36 -6.18
N ASP A 12 -11.20 18.28 -5.51
CA ASP A 12 -12.47 18.77 -6.07
C ASP A 12 -12.44 20.25 -6.48
N MET A 13 -11.80 21.08 -5.68
CA MET A 13 -11.65 22.48 -6.01
C MET A 13 -10.80 22.59 -7.24
N GLY A 14 -9.78 21.75 -7.35
CA GLY A 14 -8.93 21.74 -8.54
C GLY A 14 -9.70 21.47 -9.82
N CYS A 15 -10.60 20.51 -9.73
CA CYS A 15 -11.39 20.08 -10.85
C CYS A 15 -12.41 21.19 -11.25
N LEU A 16 -13.11 21.79 -10.29
CA LEU A 16 -14.10 22.82 -10.60
C LEU A 16 -13.45 24.09 -11.14
N GLY A 17 -12.28 24.42 -10.60
CA GLY A 17 -11.52 25.56 -11.05
C GLY A 17 -11.21 25.45 -12.52
N ILE A 18 -10.54 24.35 -12.89
CA ILE A 18 -10.27 23.99 -14.30
C ILE A 18 -11.56 23.96 -15.11
N GLU A 19 -12.61 23.34 -14.57
CA GLU A 19 -13.92 23.31 -15.25
C GLU A 19 -14.43 24.73 -15.46
N ALA A 20 -14.23 25.60 -14.48
CA ALA A 20 -14.69 26.97 -14.62
C ALA A 20 -13.84 27.73 -15.63
N LEU A 21 -12.53 27.55 -15.60
CA LEU A 21 -11.63 28.19 -16.57
C LEU A 21 -12.04 27.84 -17.98
N LEU A 22 -12.35 26.57 -18.21
CA LEU A 22 -12.71 26.15 -19.57
C LEU A 22 -14.07 26.73 -20.02
N ALA A 23 -15.07 26.77 -19.15
CA ALA A 23 -16.39 27.32 -19.53
C ALA A 23 -16.27 28.80 -19.91
N ALA A 24 -15.73 29.58 -18.97
CA ALA A 24 -15.43 31.01 -19.18
C ALA A 24 -14.52 31.30 -20.39
N GLY A 25 -13.91 30.30 -20.99
CA GLY A 25 -13.32 30.44 -22.32
C GLY A 25 -11.84 30.69 -22.35
N TYR A 26 -11.13 30.32 -21.29
CA TYR A 26 -9.66 30.44 -21.23
C TYR A 26 -9.02 29.24 -21.95
N GLU A 27 -7.77 29.41 -22.42
CA GLU A 27 -6.96 28.30 -22.91
C GLU A 27 -5.93 27.89 -21.81
N ILE A 28 -6.22 26.78 -21.11
CA ILE A 28 -5.30 26.22 -20.09
C ILE A 28 -4.17 25.54 -20.87
N SER A 29 -3.00 26.16 -20.84
CA SER A 29 -1.83 25.70 -21.59
CA SER A 29 -1.83 25.70 -21.59
C SER A 29 -1.14 24.48 -20.95
N ALA A 30 -1.38 24.27 -19.65
CA ALA A 30 -0.76 23.19 -18.87
C ALA A 30 -1.24 23.30 -17.45
N ILE A 31 -1.37 22.14 -16.83
CA ILE A 31 -1.80 21.99 -15.46
C ILE A 31 -0.72 21.26 -14.68
N PHE A 32 -0.34 21.80 -13.52
CA PHE A 32 0.48 21.12 -12.54
C PHE A 32 -0.36 20.64 -11.35
N THR A 33 -0.04 19.45 -10.86
CA THR A 33 -0.83 18.79 -9.85
C THR A 33 0.09 17.86 -9.08
N HIS A 34 -0.50 17.02 -8.23
CA HIS A 34 0.21 16.04 -7.44
C HIS A 34 -0.25 14.61 -7.71
N THR A 35 0.59 13.71 -7.23
CA THR A 35 0.28 12.29 -7.12
C THR A 35 -0.54 12.10 -5.86
N ASP A 36 -1.43 11.10 -5.91
CA ASP A 36 -2.25 10.71 -4.75
C ASP A 36 -1.39 9.96 -3.72
N ASN A 37 -1.84 9.90 -2.47
CA ASN A 37 -1.02 9.31 -1.41
C ASN A 37 -1.85 8.27 -0.69
N PRO A 38 -1.20 7.20 -0.20
CA PRO A 38 -1.98 6.06 0.33
C PRO A 38 -2.77 6.41 1.60
N GLY A 39 -2.19 7.26 2.46
CA GLY A 39 -2.86 7.69 3.67
C GLY A 39 -4.14 8.51 3.49
N GLU A 40 -4.31 9.15 2.31
CA GLU A 40 -5.40 10.08 2.06
C GLU A 40 -6.38 9.42 1.11
N LYS A 41 -7.52 8.98 1.67
CA LYS A 41 -8.64 8.44 0.87
C LYS A 41 -8.96 9.40 -0.27
N ALA A 42 -8.69 8.96 -1.48
CA ALA A 42 -8.89 9.78 -2.66
C ALA A 42 -10.31 9.62 -3.19
N PHE A 43 -11.27 10.28 -2.55
CA PHE A 43 -12.74 10.24 -2.94
C PHE A 43 -13.13 11.25 -4.01
N TYR A 44 -12.22 12.20 -4.19
CA TYR A 44 -12.43 13.46 -4.89
C TYR A 44 -12.05 13.31 -6.34
N GLY A 45 -12.52 14.27 -7.15
CA GLY A 45 -12.08 14.42 -8.54
C GLY A 45 -10.56 14.37 -8.72
N SER A 46 -10.15 13.73 -9.82
CA SER A 46 -8.76 13.68 -10.21
C SER A 46 -8.50 14.79 -11.24
N VAL A 47 -7.71 15.79 -10.85
CA VAL A 47 -7.17 16.79 -11.75
C VAL A 47 -6.35 16.20 -12.92
N ALA A 48 -5.57 15.16 -12.71
CA ALA A 48 -4.83 14.51 -13.83
C ALA A 48 -5.74 13.80 -14.88
N ARG A 49 -6.82 13.16 -14.40
CA ARG A 49 -7.77 12.53 -15.29
CA ARG A 49 -7.84 12.51 -15.25
C ARG A 49 -8.51 13.62 -16.03
N LEU A 50 -8.90 14.67 -15.33
CA LEU A 50 -9.55 15.79 -15.98
C LEU A 50 -8.73 16.30 -17.18
N ALA A 51 -7.44 16.52 -16.99
CA ALA A 51 -6.61 17.15 -18.02
C ALA A 51 -6.40 16.28 -19.23
N ALA A 52 -5.99 15.05 -18.97
CA ALA A 52 -5.92 14.02 -20.00
C ALA A 52 -7.23 13.95 -20.80
N GLU A 53 -8.37 13.83 -20.08
CA GLU A 53 -9.70 13.83 -20.69
C GLU A 53 -9.78 14.94 -21.76
N ARG A 54 -9.24 16.14 -21.50
CA ARG A 54 -9.34 17.34 -22.39
C ARG A 54 -8.08 17.68 -23.19
N GLY A 55 -7.10 16.77 -23.27
CA GLY A 55 -5.88 17.04 -24.02
C GLY A 55 -4.92 18.06 -23.43
N ILE A 56 -5.06 18.40 -22.15
CA ILE A 56 -4.18 19.39 -21.57
C ILE A 56 -2.94 18.64 -21.04
N PRO A 57 -1.74 19.19 -21.29
CA PRO A 57 -0.59 18.69 -20.59
C PRO A 57 -0.71 18.79 -19.09
N VAL A 58 -0.29 17.71 -18.43
CA VAL A 58 -0.36 17.61 -17.01
C VAL A 58 0.93 17.00 -16.41
N TYR A 59 1.43 17.63 -15.35
CA TYR A 59 2.59 17.16 -14.59
C TYR A 59 2.34 17.16 -13.09
N ALA A 60 3.20 16.43 -12.38
CA ALA A 60 3.20 16.41 -10.92
C ALA A 60 4.63 16.39 -10.37
N PRO A 61 5.49 17.31 -10.86
CA PRO A 61 6.82 17.37 -10.25
C PRO A 61 6.68 17.65 -8.77
N ASP A 62 7.53 17.00 -7.99
CA ASP A 62 7.62 17.28 -6.58
C ASP A 62 8.07 18.74 -6.35
N ASN A 63 8.90 19.30 -7.27
CA ASN A 63 9.37 20.72 -7.19
C ASN A 63 9.27 21.47 -8.51
N VAL A 64 8.11 22.12 -8.67
CA VAL A 64 7.81 23.01 -9.78
C VAL A 64 8.77 24.20 -9.84
N ASN A 65 9.30 24.66 -8.70
CA ASN A 65 10.25 25.82 -8.62
C ASN A 65 11.71 25.60 -9.10
N HIS A 66 12.09 24.35 -9.36
CA HIS A 66 13.34 23.97 -10.02
C HIS A 66 13.39 24.77 -11.35
N PRO A 67 14.57 25.32 -11.74
CA PRO A 67 14.77 26.12 -12.99
C PRO A 67 14.20 25.57 -14.31
N LEU A 68 14.52 24.34 -14.69
CA LEU A 68 13.92 23.73 -15.88
C LEU A 68 12.39 23.88 -15.98
N TRP A 69 11.70 23.80 -14.84
CA TRP A 69 10.24 23.95 -14.80
C TRP A 69 9.84 25.43 -14.92
N VAL A 70 10.56 26.30 -14.20
CA VAL A 70 10.41 27.76 -14.38
C VAL A 70 10.52 28.11 -15.85
N GLU A 71 11.49 27.46 -16.52
CA GLU A 71 11.80 27.66 -17.93
C GLU A 71 10.66 27.20 -18.87
N ARG A 72 10.09 26.01 -18.63
CA ARG A 72 8.95 25.53 -19.46
C ARG A 72 7.70 26.39 -19.27
N ILE A 73 7.51 26.91 -18.06
CA ILE A 73 6.36 27.77 -17.73
C ILE A 73 6.46 29.13 -18.43
N ALA A 74 7.66 29.71 -18.43
CA ALA A 74 7.92 30.98 -19.08
C ALA A 74 7.66 30.91 -20.61
N GLN A 75 8.05 29.81 -21.24
CA GLN A 75 7.78 29.60 -22.67
C GLN A 75 6.30 29.44 -23.02
N LEU A 76 5.48 28.91 -22.11
CA LEU A 76 4.03 28.77 -22.37
C LEU A 76 3.30 30.11 -22.45
N SER A 77 3.96 31.19 -22.02
CA SER A 77 3.40 32.57 -22.10
C SER A 77 2.04 32.66 -21.41
N PRO A 78 1.97 32.22 -20.15
CA PRO A 78 0.73 32.41 -19.44
C PRO A 78 0.41 33.90 -19.27
N ASP A 79 -0.78 34.31 -19.70
CA ASP A 79 -1.28 35.66 -19.41
C ASP A 79 -1.66 35.71 -17.92
N VAL A 80 -2.38 34.69 -17.46
CA VAL A 80 -2.81 34.64 -16.07
C VAL A 80 -2.42 33.28 -15.48
N ILE A 81 -2.15 33.27 -14.16
CA ILE A 81 -1.87 32.03 -13.40
CA ILE A 81 -1.86 32.04 -13.40
C ILE A 81 -2.99 31.75 -12.42
N PHE A 82 -3.50 30.52 -12.40
CA PHE A 82 -4.55 30.13 -11.43
C PHE A 82 -4.15 28.91 -10.61
N SER A 83 -4.16 29.06 -9.29
CA SER A 83 -4.03 27.95 -8.34
C SER A 83 -5.38 27.61 -7.73
N PHE A 84 -5.75 26.33 -7.78
CA PHE A 84 -6.95 25.84 -7.11
C PHE A 84 -6.58 24.62 -6.27
N TYR A 85 -6.32 24.86 -4.99
CA TYR A 85 -6.08 23.80 -4.02
C TYR A 85 -4.75 22.99 -4.24
N TYR A 86 -3.78 23.67 -4.83
CA TYR A 86 -2.42 23.16 -4.94
C TYR A 86 -1.77 23.35 -3.58
N ARG A 87 -0.75 22.55 -3.32
CA ARG A 87 -0.31 22.23 -1.95
C ARG A 87 1.09 22.72 -1.61
N HIS A 88 1.91 23.03 -2.60
CA HIS A 88 3.22 23.61 -2.37
C HIS A 88 3.31 25.02 -2.89
N LEU A 89 4.27 25.75 -2.33
CA LEU A 89 4.51 27.15 -2.71
C LEU A 89 5.13 27.24 -4.11
N ILE A 90 4.75 28.30 -4.79
CA ILE A 90 5.11 28.61 -6.15
C ILE A 90 5.79 29.93 -5.90
N TYR A 91 7.07 30.03 -6.26
CA TYR A 91 7.86 31.19 -5.92
C TYR A 91 7.51 32.36 -6.83
N ASP A 92 7.98 33.52 -6.39
CA ASP A 92 7.86 34.76 -7.12
C ASP A 92 8.34 34.66 -8.54
N GLU A 93 9.34 33.80 -8.85
CA GLU A 93 9.82 33.64 -10.25
C GLU A 93 8.70 33.19 -11.17
N ILE A 94 8.02 32.09 -10.82
CA ILE A 94 6.89 31.59 -11.60
C ILE A 94 5.74 32.59 -11.51
N LEU A 95 5.47 33.10 -10.32
CA LEU A 95 4.39 34.09 -10.17
C LEU A 95 4.60 35.40 -10.98
N GLN A 96 5.84 35.92 -11.08
CA GLN A 96 6.13 37.10 -11.92
C GLN A 96 5.83 36.85 -13.41
N LEU A 97 6.02 35.63 -13.91
CA LEU A 97 5.89 35.35 -15.35
C LEU A 97 4.52 35.70 -16.00
N ALA A 98 3.51 35.94 -15.17
CA ALA A 98 2.17 36.26 -15.66
C ALA A 98 1.96 37.76 -15.60
N PRO A 99 1.87 38.42 -16.76
CA PRO A 99 1.58 39.87 -16.82
C PRO A 99 0.27 40.29 -16.13
N ALA A 100 -0.84 39.60 -16.46
CA ALA A 100 -2.15 39.84 -15.80
C ALA A 100 -2.27 39.32 -14.35
N GLY A 101 -1.20 38.66 -13.88
CA GLY A 101 -1.03 38.29 -12.47
C GLY A 101 -1.51 36.88 -12.21
N ALA A 102 -1.68 36.57 -10.93
CA ALA A 102 -1.87 35.20 -10.49
C ALA A 102 -2.86 35.16 -9.33
N PHE A 103 -3.73 34.16 -9.30
CA PHE A 103 -4.71 34.05 -8.24
C PHE A 103 -4.80 32.67 -7.61
N ASN A 104 -5.30 32.66 -6.39
CA ASN A 104 -5.57 31.45 -5.63
C ASN A 104 -7.02 31.47 -5.14
N LEU A 105 -7.64 30.29 -5.11
CA LEU A 105 -8.97 30.08 -4.57
C LEU A 105 -8.79 29.29 -3.31
N HIS A 106 -9.40 29.76 -2.23
CA HIS A 106 -9.15 29.27 -0.90
C HIS A 106 -10.46 29.18 -0.08
N GLY A 107 -10.67 28.06 0.61
CA GLY A 107 -11.92 27.81 1.34
C GLY A 107 -12.00 28.41 2.76
N SER A 108 -11.88 29.73 2.87
CA SER A 108 -12.08 30.41 4.16
C SER A 108 -12.45 31.86 3.96
N LEU A 109 -12.93 32.47 5.03
CA LEU A 109 -13.19 33.90 5.05
C LEU A 109 -11.88 34.64 5.27
N LEU A 110 -10.98 34.62 4.29
CA LEU A 110 -9.67 35.28 4.46
C LEU A 110 -9.84 36.75 4.92
N PRO A 111 -8.99 37.28 5.77
CA PRO A 111 -7.78 36.69 6.30
C PRO A 111 -7.94 35.70 7.49
N LYS A 112 -9.16 35.38 7.90
CA LYS A 112 -9.35 34.28 8.85
C LYS A 112 -9.00 32.97 8.14
N TYR A 113 -8.50 32.00 8.90
CA TYR A 113 -8.17 30.65 8.42
C TYR A 113 -7.36 30.59 7.14
N ARG A 114 -6.29 31.40 7.08
CA ARG A 114 -5.21 31.18 6.12
C ARG A 114 -4.58 29.88 6.52
N GLY A 115 -3.76 29.34 5.62
CA GLY A 115 -2.89 28.22 5.91
C GLY A 115 -3.40 27.01 5.18
N ARG A 116 -3.54 25.90 5.89
CA ARG A 116 -3.85 24.62 5.24
C ARG A 116 -5.11 24.00 5.85
N ALA A 117 -5.83 23.25 5.03
CA ALA A 117 -7.01 22.53 5.53
C ALA A 117 -8.03 23.37 6.32
N PRO A 118 -8.38 24.59 5.84
CA PRO A 118 -9.42 25.39 6.47
C PRO A 118 -10.80 24.73 6.47
N LEU A 119 -11.06 23.85 5.51
CA LEU A 119 -12.28 23.05 5.60
C LEU A 119 -12.41 22.47 7.03
N ASN A 120 -11.33 21.83 7.45
CA ASN A 120 -11.30 21.02 8.65
C ASN A 120 -11.10 21.85 9.89
N TRP A 121 -10.24 22.86 9.78
CA TRP A 121 -9.94 23.72 10.93
C TRP A 121 -11.20 24.41 11.47
N VAL A 122 -12.03 24.94 10.57
CA VAL A 122 -13.23 25.67 11.01
C VAL A 122 -14.20 24.74 11.75
N LEU A 123 -14.25 23.48 11.38
CA LEU A 123 -15.10 22.53 12.09
C LEU A 123 -14.53 22.12 13.46
N VAL A 124 -13.19 21.98 13.55
CA VAL A 124 -12.48 21.76 14.84
C VAL A 124 -12.79 22.88 15.86
N ASN A 125 -12.68 24.10 15.37
CA ASN A 125 -12.95 25.28 16.17
C ASN A 125 -14.44 25.63 16.30
N GLY A 126 -15.32 24.84 15.70
CA GLY A 126 -16.77 25.03 15.90
C GLY A 126 -17.30 26.34 15.37
N GLU A 127 -16.69 26.86 14.29
CA GLU A 127 -17.15 28.07 13.60
C GLU A 127 -18.57 27.92 13.06
N THR A 128 -19.37 28.98 13.20
CA THR A 128 -20.77 28.96 12.71
C THR A 128 -20.87 29.35 11.23
N GLU A 129 -19.86 30.02 10.69
CA GLU A 129 -19.75 30.28 9.24
C GLU A 129 -18.34 30.09 8.69
N THR A 130 -18.24 30.04 7.37
CA THR A 130 -16.96 30.06 6.66
C THR A 130 -17.22 30.60 5.25
N GLY A 131 -16.33 30.33 4.30
CA GLY A 131 -16.53 30.82 2.96
C GLY A 131 -15.50 30.41 1.94
N VAL A 132 -15.51 31.11 0.80
CA VAL A 132 -14.53 30.90 -0.27
C VAL A 132 -14.01 32.27 -0.68
N THR A 133 -12.72 32.35 -0.99
CA THR A 133 -12.05 33.59 -1.31
C THR A 133 -11.19 33.34 -2.51
N LEU A 134 -11.15 34.29 -3.42
CA LEU A 134 -10.27 34.23 -4.55
C LEU A 134 -9.43 35.45 -4.35
N HIS A 135 -8.11 35.33 -4.48
CA HIS A 135 -7.25 36.46 -4.18
C HIS A 135 -6.00 36.46 -5.06
N ARG A 136 -5.29 37.59 -5.10
CA ARG A 136 -3.97 37.63 -5.71
C ARG A 136 -3.03 36.67 -4.96
N MET A 137 -2.29 35.87 -5.72
CA MET A 137 -1.32 34.93 -5.18
C MET A 137 0.05 35.64 -5.18
N VAL A 138 0.64 35.77 -3.99
CA VAL A 138 1.95 36.41 -3.80
C VAL A 138 2.94 35.46 -3.11
N LYS A 139 4.18 35.91 -2.92
CA LYS A 139 5.21 35.10 -2.26
C LYS A 139 4.68 34.52 -0.92
N ARG A 140 3.98 35.33 -0.15
CA ARG A 140 3.50 34.93 1.18
C ARG A 140 2.13 34.24 1.17
N ALA A 141 2.03 33.10 1.86
CA ALA A 141 0.89 32.19 1.70
C ALA A 141 -0.46 32.80 2.04
N ASP A 142 -1.45 32.61 1.17
CA ASP A 142 -2.84 33.00 1.45
C ASP A 142 -3.06 34.48 1.89
N ALA A 143 -2.15 35.38 1.52
CA ALA A 143 -2.13 36.74 2.03
C ALA A 143 -2.44 37.87 1.05
N GLY A 144 -2.38 37.62 -0.27
CA GLY A 144 -2.65 38.68 -1.26
C GLY A 144 -4.06 39.28 -1.23
N ALA A 145 -4.23 40.35 -2.00
CA ALA A 145 -5.46 41.15 -2.00
C ALA A 145 -6.67 40.38 -2.51
N ILE A 146 -7.81 40.65 -1.94
CA ILE A 146 -9.02 39.87 -2.16
C ILE A 146 -9.86 40.42 -3.31
N VAL A 147 -10.09 39.55 -4.28
CA VAL A 147 -10.82 39.84 -5.52
C VAL A 147 -12.29 39.54 -5.27
N ALA A 148 -12.60 38.42 -4.63
CA ALA A 148 -13.97 38.13 -4.23
C ALA A 148 -14.05 37.18 -3.06
N GLN A 149 -15.22 37.14 -2.46
CA GLN A 149 -15.48 36.29 -1.33
C GLN A 149 -16.97 35.93 -1.23
N LEU A 150 -17.27 34.65 -1.00
CA LEU A 150 -18.65 34.23 -0.73
C LEU A 150 -18.65 33.54 0.61
N ARG A 151 -19.64 33.92 1.40
CA ARG A 151 -19.79 33.50 2.78
C ARG A 151 -20.88 32.44 2.77
N ILE A 152 -20.71 31.42 3.60
CA ILE A 152 -21.67 30.34 3.75
C ILE A 152 -21.67 29.89 5.20
N ALA A 153 -22.83 29.43 5.67
CA ALA A 153 -23.03 29.02 7.08
C ALA A 153 -22.75 27.54 7.33
N ILE A 154 -22.08 27.25 8.43
CA ILE A 154 -21.89 25.90 8.88
C ILE A 154 -23.12 25.61 9.75
N ALA A 155 -23.83 24.51 9.49
CA ALA A 155 -24.91 23.99 10.37
C ALA A 155 -24.34 23.01 11.46
N PRO A 156 -24.92 23.00 12.68
CA PRO A 156 -24.48 22.07 13.76
C PRO A 156 -24.32 20.59 13.34
N ASP A 157 -25.21 20.08 12.48
CA ASP A 157 -25.10 18.70 12.00
C ASP A 157 -24.11 18.48 10.83
N ASP A 158 -23.58 19.57 10.24
CA ASP A 158 -22.56 19.51 9.18
C ASP A 158 -21.32 18.81 9.65
N ILE A 159 -20.69 18.06 8.74
CA ILE A 159 -19.38 17.48 8.98
C ILE A 159 -18.49 17.92 7.81
N ALA A 160 -17.25 17.43 7.79
CA ALA A 160 -16.31 17.74 6.73
C ALA A 160 -16.80 17.47 5.35
N ILE A 161 -17.43 16.31 5.10
CA ILE A 161 -17.88 15.99 3.74
C ILE A 161 -19.00 16.91 3.29
N THR A 162 -19.92 17.25 4.18
CA THR A 162 -21.07 18.08 3.78
C THR A 162 -20.64 19.51 3.58
N LEU A 163 -19.76 20.01 4.45
CA LEU A 163 -19.20 21.33 4.31
C LEU A 163 -18.35 21.48 3.02
N HIS A 164 -17.66 20.41 2.63
CA HIS A 164 -16.77 20.44 1.47
C HIS A 164 -17.60 20.65 0.21
N HIS A 165 -18.76 20.00 0.11
CA HIS A 165 -19.63 20.14 -1.07
C HIS A 165 -20.28 21.54 -1.11
N LYS A 166 -20.65 22.08 0.04
CA LYS A 166 -21.06 23.49 0.09
C LYS A 166 -19.93 24.46 -0.29
N LEU A 167 -18.69 24.17 0.12
CA LEU A 167 -17.55 25.02 -0.25
C LEU A 167 -17.32 24.96 -1.78
N CYS A 168 -17.38 23.75 -2.37
CA CYS A 168 -17.30 23.58 -3.82
C CYS A 168 -18.44 24.24 -4.60
N HIS A 169 -19.69 24.03 -4.16
CA HIS A 169 -20.86 24.75 -4.71
C HIS A 169 -20.60 26.25 -4.66
N ALA A 170 -20.20 26.77 -3.48
CA ALA A 170 -19.85 28.20 -3.35
C ALA A 170 -18.69 28.61 -4.25
N ALA A 171 -17.61 27.84 -4.23
CA ALA A 171 -16.50 28.04 -5.16
C ALA A 171 -16.86 28.20 -6.66
N ARG A 172 -17.80 27.40 -7.17
CA ARG A 172 -18.17 27.45 -8.60
C ARG A 172 -18.91 28.74 -8.91
N GLN A 173 -19.78 29.14 -7.98
CA GLN A 173 -20.48 30.41 -8.09
C GLN A 173 -19.49 31.55 -8.12
N LEU A 174 -18.56 31.55 -7.16
CA LEU A 174 -17.54 32.57 -7.07
C LEU A 174 -16.85 32.69 -8.42
N LEU A 175 -16.48 31.58 -9.01
CA LEU A 175 -15.82 31.65 -10.34
C LEU A 175 -16.76 32.15 -11.48
N GLU A 176 -18.05 31.81 -11.44
CA GLU A 176 -19.04 32.39 -12.39
C GLU A 176 -19.11 33.91 -12.21
N GLN A 177 -19.14 34.34 -10.94
CA GLN A 177 -19.22 35.77 -10.56
C GLN A 177 -17.90 36.54 -10.67
N THR A 178 -16.83 35.90 -11.13
CA THR A 178 -15.49 36.49 -11.07
C THR A 178 -14.68 36.40 -12.35
N LEU A 179 -14.75 35.27 -13.04
CA LEU A 179 -13.75 35.01 -14.07
C LEU A 179 -13.84 35.92 -15.28
N PRO A 180 -15.07 36.24 -15.75
CA PRO A 180 -15.20 37.21 -16.83
C PRO A 180 -14.52 38.52 -16.51
N ALA A 181 -14.82 39.10 -15.34
CA ALA A 181 -14.16 40.32 -14.86
C ALA A 181 -12.64 40.26 -14.94
N ILE A 182 -12.06 39.16 -14.48
CA ILE A 182 -10.63 38.97 -14.58
C ILE A 182 -10.18 38.92 -16.06
N LYS A 183 -10.91 38.19 -16.88
CA LYS A 183 -10.59 38.08 -18.31
C LYS A 183 -10.69 39.43 -19.07
N HIS A 184 -11.60 40.31 -18.65
CA HIS A 184 -11.85 41.62 -19.29
C HIS A 184 -10.97 42.73 -18.73
N GLY A 185 -10.42 42.56 -17.54
CA GLY A 185 -9.56 43.56 -16.87
C GLY A 185 -10.27 44.46 -15.86
N ASN A 186 -11.19 43.91 -15.06
CA ASN A 186 -12.06 44.70 -14.19
C ASN A 186 -12.26 44.14 -12.75
N ILE A 187 -11.23 44.31 -11.91
CA ILE A 187 -11.22 43.77 -10.54
C ILE A 187 -11.18 44.88 -9.50
N LEU A 188 -12.06 44.83 -8.51
CA LEU A 188 -11.81 45.58 -7.27
C LEU A 188 -11.06 44.67 -6.27
N GLU A 189 -9.72 44.72 -6.31
CA GLU A 189 -8.93 44.03 -5.31
C GLU A 189 -8.78 44.95 -4.12
N ILE A 190 -8.90 44.38 -2.93
CA ILE A 190 -8.76 45.09 -1.64
C ILE A 190 -7.73 44.32 -0.82
N ALA A 191 -6.74 45.01 -0.23
CA ALA A 191 -5.72 44.30 0.58
C ALA A 191 -6.37 43.66 1.79
N GLN A 192 -5.76 42.58 2.27
CA GLN A 192 -6.30 41.89 3.42
C GLN A 192 -5.85 42.62 4.66
N ARG A 193 -6.70 42.63 5.69
CA ARG A 193 -6.39 43.31 6.94
C ARG A 193 -5.57 42.39 7.87
N GLU A 194 -4.27 42.67 8.00
CA GLU A 194 -3.34 41.79 8.72
C GLU A 194 -3.65 41.56 10.19
N ASN A 195 -4.24 42.55 10.87
CA ASN A 195 -4.59 42.40 12.30
C ASN A 195 -5.77 41.44 12.54
N GLU A 196 -6.57 41.20 11.50
CA GLU A 196 -7.63 40.18 11.52
C GLU A 196 -7.13 38.76 11.19
N ALA A 197 -5.96 38.64 10.58
CA ALA A 197 -5.50 37.38 10.01
C ALA A 197 -5.34 36.28 11.05
N THR A 198 -5.68 35.05 10.65
CA THR A 198 -5.30 33.85 11.40
C THR A 198 -4.71 32.80 10.46
N CYS A 199 -3.78 32.03 11.01
CA CYS A 199 -3.05 31.01 10.27
CA CYS A 199 -3.06 31.01 10.27
C CYS A 199 -3.09 29.71 11.06
N PHE A 200 -3.49 28.62 10.38
CA PHE A 200 -3.50 27.27 10.96
C PHE A 200 -2.71 26.36 10.01
N GLY A 201 -1.82 25.54 10.59
CA GLY A 201 -0.85 24.71 9.85
C GLY A 201 -1.33 23.35 9.27
N ARG A 202 -0.37 22.57 8.78
CA ARG A 202 -0.65 21.30 8.14
C ARG A 202 -1.28 20.36 9.16
N ARG A 203 -2.19 19.52 8.71
CA ARG A 203 -2.82 18.55 9.60
C ARG A 203 -2.40 17.12 9.21
N THR A 204 -2.28 16.25 10.21
CA THR A 204 -2.00 14.82 10.02
C THR A 204 -3.03 13.92 10.74
N PRO A 205 -3.12 12.61 10.38
CA PRO A 205 -4.09 11.76 11.12
C PRO A 205 -3.97 11.87 12.64
N ASP A 206 -2.74 11.85 13.15
CA ASP A 206 -2.45 12.00 14.59
C ASP A 206 -3.08 13.24 15.29
N ASP A 207 -3.26 14.33 14.56
CA ASP A 207 -3.96 15.51 15.08
C ASP A 207 -5.42 15.29 15.53
N SER A 208 -6.02 14.13 15.25
CA SER A 208 -7.39 13.86 15.69
C SER A 208 -7.52 12.88 16.85
N PHE A 209 -6.42 12.74 17.61
CA PHE A 209 -6.43 11.98 18.88
C PHE A 209 -7.41 12.62 19.90
N LEU A 210 -8.23 11.78 20.50
CA LEU A 210 -9.27 12.20 21.45
C LEU A 210 -8.75 12.14 22.89
N GLU A 211 -8.75 13.30 23.56
CA GLU A 211 -8.37 13.41 24.96
C GLU A 211 -9.60 13.81 25.77
N TRP A 212 -10.06 12.86 26.58
CA TRP A 212 -11.37 12.95 27.21
C TRP A 212 -11.43 13.88 28.42
N HIS A 213 -10.35 14.57 28.76
CA HIS A 213 -10.45 15.67 29.73
C HIS A 213 -11.11 16.97 29.15
N LYS A 214 -11.16 17.06 27.83
CA LYS A 214 -11.80 18.20 27.18
C LYS A 214 -13.33 18.21 27.34
N PRO A 215 -13.96 19.34 27.01
CA PRO A 215 -15.42 19.41 26.86
C PRO A 215 -15.89 18.53 25.72
N ALA A 216 -17.10 18.01 25.81
CA ALA A 216 -17.58 17.01 24.87
C ALA A 216 -17.76 17.65 23.52
N SER A 217 -18.47 18.77 23.48
CA SER A 217 -18.66 19.53 22.23
C SER A 217 -17.32 19.89 21.52
N VAL A 218 -16.23 20.05 22.29
CA VAL A 218 -14.88 20.20 21.68
C VAL A 218 -14.52 18.90 20.98
N LEU A 219 -14.55 17.78 21.72
CA LEU A 219 -14.29 16.45 21.14
C LEU A 219 -15.24 16.09 19.94
N HIS A 220 -16.50 16.49 20.04
CA HIS A 220 -17.52 16.31 19.01
C HIS A 220 -17.20 17.08 17.73
N ASN A 221 -16.67 18.28 17.87
CA ASN A 221 -16.24 19.07 16.72
C ASN A 221 -15.00 18.50 16.04
N MET A 222 -14.15 17.79 16.79
CA MET A 222 -13.07 17.03 16.16
C MET A 222 -13.61 15.81 15.40
N VAL A 223 -14.59 15.08 15.97
CA VAL A 223 -15.24 13.97 15.24
C VAL A 223 -15.82 14.48 13.89
N ARG A 224 -16.40 15.67 13.91
CA ARG A 224 -17.05 16.25 12.74
C ARG A 224 -16.04 16.71 11.69
N ALA A 225 -14.89 17.22 12.13
CA ALA A 225 -13.88 17.79 11.24
C ALA A 225 -13.11 16.78 10.40
N VAL A 226 -13.06 15.53 10.84
CA VAL A 226 -12.38 14.51 10.08
C VAL A 226 -13.24 13.26 9.92
N ALA A 227 -14.56 13.43 9.94
CA ALA A 227 -15.43 12.30 9.68
C ALA A 227 -15.16 11.82 8.25
N ASP A 228 -15.49 10.55 7.98
CA ASP A 228 -15.23 9.88 6.69
C ASP A 228 -15.84 10.74 5.56
N PRO A 229 -15.12 11.00 4.47
CA PRO A 229 -13.84 10.31 4.10
C PRO A 229 -12.53 10.91 4.67
N TRP A 230 -12.55 11.80 5.67
CA TRP A 230 -11.29 12.20 6.35
C TRP A 230 -10.82 11.10 7.36
N PRO A 231 -9.61 11.21 7.98
CA PRO A 231 -9.09 9.99 8.60
C PRO A 231 -9.73 9.55 9.95
N GLY A 232 -10.70 10.29 10.45
CA GLY A 232 -11.43 9.89 11.63
C GLY A 232 -10.73 10.26 12.93
N ALA A 233 -11.50 10.81 13.86
CA ALA A 233 -11.02 11.06 15.20
C ALA A 233 -10.89 9.73 15.92
N PHE A 234 -9.84 9.56 16.72
CA PHE A 234 -9.62 8.26 17.35
C PHE A 234 -9.23 8.34 18.81
N SER A 235 -9.38 7.21 19.51
CA SER A 235 -8.88 7.03 20.90
C SER A 235 -8.26 5.60 21.03
N TYR A 236 -7.95 5.19 22.26
CA TYR A 236 -7.43 3.83 22.52
C TYR A 236 -8.22 3.14 23.60
N VAL A 237 -8.34 1.81 23.49
CA VAL A 237 -8.72 0.92 24.60
C VAL A 237 -7.52 0.00 24.78
N GLY A 238 -6.70 0.30 25.78
CA GLY A 238 -5.51 -0.50 26.06
C GLY A 238 -4.53 -0.10 25.00
N ASN A 239 -4.01 -1.08 24.27
CA ASN A 239 -3.24 -0.83 23.06
C ASN A 239 -4.11 -0.73 21.76
N GLN A 240 -5.43 -0.91 21.88
CA GLN A 240 -6.36 -0.95 20.71
C GLN A 240 -6.81 0.44 20.28
N LYS A 241 -6.35 0.87 19.11
CA LYS A 241 -6.84 2.12 18.52
CA LYS A 241 -6.83 2.11 18.50
C LYS A 241 -8.24 1.84 17.99
N PHE A 242 -9.11 2.82 18.11
CA PHE A 242 -10.41 2.73 17.51
C PHE A 242 -10.80 4.15 17.14
N THR A 243 -11.59 4.26 16.09
CA THR A 243 -12.01 5.49 15.47
C THR A 243 -13.45 5.76 15.85
N VAL A 244 -13.73 7.03 16.17
CA VAL A 244 -15.07 7.58 16.27
C VAL A 244 -15.45 8.33 14.97
N TRP A 245 -16.39 7.76 14.23
CA TRP A 245 -16.81 8.30 12.95
C TRP A 245 -17.93 9.28 13.05
N SER A 246 -18.85 9.07 14.01
CA SER A 246 -19.88 10.04 14.32
C SER A 246 -20.32 9.96 15.80
N SER A 247 -20.80 11.09 16.30
CA SER A 247 -20.99 11.31 17.71
C SER A 247 -22.18 12.20 17.98
N ARG A 248 -22.52 12.32 19.25
CA ARG A 248 -23.62 13.18 19.72
C ARG A 248 -23.31 13.65 21.14
N VAL A 249 -23.40 14.96 21.38
CA VAL A 249 -23.27 15.49 22.75
C VAL A 249 -24.55 15.18 23.51
N HIS A 250 -24.38 14.61 24.69
CA HIS A 250 -25.49 14.36 25.59
C HIS A 250 -25.22 15.27 26.78
N PRO A 251 -26.08 16.28 26.99
CA PRO A 251 -25.97 17.02 28.25
C PRO A 251 -26.64 16.26 29.39
N LYS A 255 -21.25 11.64 37.21
CA LYS A 255 -20.18 11.67 38.22
C LYS A 255 -19.02 10.69 37.92
N ALA A 256 -18.99 10.12 36.71
CA ALA A 256 -17.87 9.32 36.22
C ALA A 256 -16.72 10.21 35.80
N GLN A 257 -15.49 9.77 36.06
CA GLN A 257 -14.32 10.59 35.78
C GLN A 257 -14.05 10.60 34.28
N PRO A 258 -13.45 11.69 33.75
CA PRO A 258 -13.35 11.84 32.29
C PRO A 258 -12.67 10.65 31.64
N GLY A 259 -13.16 10.24 30.48
CA GLY A 259 -12.60 9.13 29.72
C GLY A 259 -13.11 7.79 30.17
N SER A 260 -14.17 7.81 30.98
CA SER A 260 -14.77 6.59 31.48
C SER A 260 -16.05 6.29 30.74
N VAL A 261 -16.30 4.99 30.55
CA VAL A 261 -17.47 4.54 29.82
C VAL A 261 -18.62 4.59 30.81
N ILE A 262 -19.49 5.58 30.63
CA ILE A 262 -20.73 5.68 31.40
C ILE A 262 -21.64 4.48 31.12
N SER A 263 -22.01 4.32 29.84
CA SER A 263 -22.89 3.23 29.37
C SER A 263 -22.35 2.68 28.07
N VAL A 264 -22.72 1.47 27.73
CA VAL A 264 -22.22 0.82 26.52
C VAL A 264 -23.31 0.60 25.48
N ALA A 265 -24.53 1.10 25.75
CA ALA A 265 -25.62 1.10 24.75
C ALA A 265 -26.74 2.02 25.22
N PRO A 266 -26.75 3.30 24.84
CA PRO A 266 -25.72 3.97 24.02
C PRO A 266 -24.31 3.94 24.59
N LEU A 267 -23.32 3.93 23.69
CA LEU A 267 -21.90 3.94 24.06
C LEU A 267 -21.61 5.36 24.30
N LEU A 268 -21.38 5.66 25.57
CA LEU A 268 -21.43 6.99 26.10
C LEU A 268 -20.19 7.09 26.98
N ILE A 269 -19.34 8.08 26.68
CA ILE A 269 -18.10 8.35 27.41
C ILE A 269 -18.23 9.68 28.14
N ALA A 270 -17.87 9.71 29.43
CA ALA A 270 -17.79 10.98 30.15
C ALA A 270 -16.53 11.73 29.68
N CYS A 271 -16.71 12.99 29.31
CA CYS A 271 -15.61 13.93 29.06
C CYS A 271 -15.43 14.89 30.24
N GLY A 272 -14.62 15.94 30.05
CA GLY A 272 -14.42 16.97 31.07
C GLY A 272 -15.69 17.68 31.48
N ASP A 273 -16.42 18.16 30.47
CA ASP A 273 -17.78 18.65 30.62
C ASP A 273 -18.71 17.75 29.76
N GLY A 274 -19.87 17.40 30.31
CA GLY A 274 -20.85 16.58 29.61
C GLY A 274 -20.38 15.17 29.23
N ALA A 275 -21.05 14.60 28.23
CA ALA A 275 -20.71 13.27 27.67
C ALA A 275 -20.87 13.22 26.15
N LEU A 276 -20.06 12.35 25.53
CA LEU A 276 -20.07 12.16 24.09
C LEU A 276 -20.52 10.74 23.80
N GLU A 277 -21.47 10.62 22.88
CA GLU A 277 -21.96 9.36 22.43
C GLU A 277 -21.16 8.97 21.22
N ILE A 278 -20.60 7.77 21.24
CA ILE A 278 -19.98 7.20 20.06
C ILE A 278 -21.05 6.47 19.29
N VAL A 279 -21.61 7.14 18.28
CA VAL A 279 -22.75 6.63 17.48
C VAL A 279 -22.26 5.53 16.53
N THR A 280 -21.14 5.80 15.87
CA THR A 280 -20.50 4.87 14.95
C THR A 280 -18.98 4.98 15.05
N GLY A 281 -18.34 3.90 14.70
CA GLY A 281 -16.94 3.76 14.94
C GLY A 281 -16.50 2.41 14.47
N GLN A 282 -15.20 2.21 14.51
CA GLN A 282 -14.60 0.95 14.12
C GLN A 282 -13.40 0.74 15.05
N ALA A 283 -13.08 -0.52 15.28
CA ALA A 283 -11.90 -0.93 16.02
C ALA A 283 -10.76 -1.22 15.03
N GLY A 284 -9.63 -0.58 15.26
CA GLY A 284 -8.46 -0.73 14.37
C GLY A 284 -8.83 -0.59 12.91
N ASP A 285 -8.57 -1.65 12.15
CA ASP A 285 -8.85 -1.69 10.72
C ASP A 285 -10.11 -2.48 10.45
N GLY A 286 -10.86 -2.82 11.50
CA GLY A 286 -12.19 -3.42 11.32
C GLY A 286 -13.21 -2.62 10.50
N ILE A 287 -14.36 -3.25 10.24
CA ILE A 287 -15.48 -2.58 9.58
C ILE A 287 -16.12 -1.55 10.52
N THR A 288 -16.81 -0.57 9.93
CA THR A 288 -17.62 0.37 10.70
C THR A 288 -18.88 -0.32 11.25
N MET A 289 -19.25 0.05 12.48
CA MET A 289 -20.42 -0.52 13.19
C MET A 289 -21.09 0.55 14.04
N GLN A 290 -22.29 0.29 14.55
CA GLN A 290 -22.89 1.19 15.56
C GLN A 290 -22.08 1.01 16.85
N GLY A 291 -22.22 2.00 17.76
CA GLY A 291 -21.46 2.08 19.00
C GLY A 291 -21.69 0.92 19.97
N SER A 292 -22.94 0.46 20.08
CA SER A 292 -23.26 -0.67 20.98
C SER A 292 -22.46 -1.90 20.56
N GLN A 293 -22.37 -2.13 19.26
CA GLN A 293 -21.57 -3.20 18.76
C GLN A 293 -20.09 -2.87 18.95
N LEU A 294 -19.70 -1.61 18.76
CA LEU A 294 -18.29 -1.26 18.96
C LEU A 294 -17.75 -1.62 20.38
N ALA A 295 -18.53 -1.29 21.40
CA ALA A 295 -18.23 -1.71 22.78
C ALA A 295 -18.00 -3.21 22.88
N GLN A 296 -18.99 -3.99 22.49
CA GLN A 296 -18.89 -5.47 22.55
C GLN A 296 -17.56 -5.95 21.92
N THR A 297 -17.25 -5.51 20.70
CA THR A 297 -15.97 -5.87 20.06
C THR A 297 -14.75 -5.41 20.88
N LEU A 298 -14.84 -4.23 21.51
CA LEU A 298 -13.73 -3.65 22.34
C LEU A 298 -13.56 -4.22 23.73
N GLY A 299 -14.56 -4.98 24.19
CA GLY A 299 -14.64 -5.46 25.56
C GLY A 299 -14.91 -4.36 26.56
N LEU A 300 -15.47 -3.24 26.11
CA LEU A 300 -15.82 -2.16 27.02
C LEU A 300 -16.99 -2.57 27.90
N VAL A 301 -16.89 -2.27 29.18
CA VAL A 301 -18.03 -2.39 30.09
C VAL A 301 -18.25 -1.03 30.75
N GLN A 302 -19.43 -0.87 31.35
CA GLN A 302 -19.76 0.26 32.24
C GLN A 302 -18.62 0.44 33.23
N GLY A 303 -18.01 1.63 33.24
CA GLY A 303 -16.83 1.92 34.04
C GLY A 303 -15.44 1.67 33.43
N SER A 304 -15.35 1.23 32.16
CA SER A 304 -14.03 1.03 31.51
C SER A 304 -13.33 2.36 31.25
N ARG A 305 -12.00 2.36 31.29
CA ARG A 305 -11.19 3.57 31.12
C ARG A 305 -10.40 3.53 29.80
N LEU A 306 -10.50 4.62 29.05
CA LEU A 306 -9.81 4.81 27.77
C LEU A 306 -8.55 5.65 27.98
N ASN A 307 -7.67 5.69 26.97
CA ASN A 307 -6.60 6.72 26.92
C ASN A 307 -6.46 7.35 25.49
N MET B 3 10.07 -26.48 31.49
CA MET B 3 9.53 -25.08 31.59
C MET B 3 8.66 -24.66 30.39
N LYS B 4 7.47 -24.14 30.70
CA LYS B 4 6.49 -23.66 29.70
C LYS B 4 6.48 -22.14 29.66
N THR B 5 6.42 -21.57 28.45
CA THR B 5 6.53 -20.09 28.28
C THR B 5 5.61 -19.55 27.22
N VAL B 6 4.93 -18.45 27.53
CA VAL B 6 4.24 -17.71 26.51
C VAL B 6 5.07 -16.46 26.20
N VAL B 7 5.22 -16.24 24.91
CA VAL B 7 6.21 -15.34 24.35
C VAL B 7 5.52 -14.17 23.63
N PHE B 8 6.14 -13.01 23.73
CA PHE B 8 5.74 -11.80 22.99
C PHE B 8 6.97 -11.34 22.21
N ALA B 9 6.88 -11.14 20.90
CA ALA B 9 8.11 -10.95 20.09
C ALA B 9 7.91 -10.32 18.72
N TYR B 10 8.91 -9.60 18.23
CA TYR B 10 8.92 -9.06 16.89
C TYR B 10 10.37 -8.77 16.42
N HIS B 11 10.64 -8.75 15.11
CA HIS B 11 11.96 -8.28 14.58
C HIS B 11 13.06 -9.35 14.82
N ASP B 12 14.29 -9.06 14.39
CA ASP B 12 15.44 -9.97 14.58
C ASP B 12 15.70 -10.31 16.02
N MET B 13 15.43 -9.39 16.93
CA MET B 13 15.50 -9.69 18.36
C MET B 13 14.42 -10.69 18.82
N GLY B 14 13.26 -10.62 18.20
CA GLY B 14 12.22 -11.58 18.40
C GLY B 14 12.54 -12.96 17.90
N CYS B 15 13.19 -13.02 16.74
CA CYS B 15 13.50 -14.29 16.10
C CYS B 15 14.56 -15.07 16.91
N LEU B 16 15.65 -14.40 17.28
CA LEU B 16 16.73 -15.05 18.07
C LEU B 16 16.29 -15.35 19.50
N GLY B 17 15.44 -14.50 20.07
CA GLY B 17 14.89 -14.78 21.39
C GLY B 17 14.18 -16.12 21.40
N ILE B 18 13.32 -16.36 20.39
CA ILE B 18 12.58 -17.60 20.21
C ILE B 18 13.53 -18.80 19.97
N GLU B 19 14.55 -18.61 19.11
CA GLU B 19 15.53 -19.67 18.83
C GLU B 19 16.27 -20.06 20.13
N ALA B 20 16.80 -19.08 20.84
CA ALA B 20 17.48 -19.32 22.11
C ALA B 20 16.58 -19.99 23.19
N LEU B 21 15.29 -19.64 23.19
CA LEU B 21 14.31 -20.35 24.02
C LEU B 21 14.23 -21.82 23.59
N LEU B 22 14.06 -22.09 22.29
CA LEU B 22 13.95 -23.51 21.83
C LEU B 22 15.24 -24.33 21.97
N ALA B 23 16.40 -23.68 21.93
CA ALA B 23 17.69 -24.35 22.14
C ALA B 23 17.80 -24.83 23.60
N ALA B 24 17.50 -23.94 24.55
CA ALA B 24 17.56 -24.28 25.96
C ALA B 24 16.41 -25.20 26.44
N GLY B 25 15.52 -25.60 25.55
CA GLY B 25 14.59 -26.69 25.82
C GLY B 25 13.24 -26.28 26.40
N TYR B 26 12.76 -25.07 26.07
CA TYR B 26 11.48 -24.56 26.56
C TYR B 26 10.37 -24.98 25.64
N GLU B 27 9.16 -25.06 26.17
CA GLU B 27 7.99 -25.40 25.40
C GLU B 27 7.28 -24.07 25.19
N ILE B 28 7.37 -23.54 23.98
CA ILE B 28 6.68 -22.29 23.64
C ILE B 28 5.28 -22.75 23.28
N SER B 29 4.33 -22.40 24.14
CA SER B 29 2.96 -22.84 24.05
C SER B 29 2.09 -21.89 23.17
N ALA B 30 2.61 -20.69 22.93
CA ALA B 30 2.03 -19.62 22.06
C ALA B 30 3.04 -18.45 21.88
N ILE B 31 2.89 -17.71 20.80
CA ILE B 31 3.68 -16.51 20.53
C ILE B 31 2.72 -15.38 20.06
N PHE B 32 2.94 -14.21 20.66
CA PHE B 32 2.27 -13.00 20.25
C PHE B 32 3.25 -12.08 19.54
N THR B 33 2.80 -11.52 18.42
CA THR B 33 3.61 -10.63 17.59
C THR B 33 2.77 -9.50 17.01
N HIS B 34 3.34 -8.74 16.09
CA HIS B 34 2.61 -7.74 15.29
C HIS B 34 2.62 -8.04 13.79
N THR B 35 1.62 -7.47 13.10
CA THR B 35 1.61 -7.35 11.63
C THR B 35 2.66 -6.36 11.25
N ASP B 36 3.21 -6.50 10.04
CA ASP B 36 4.18 -5.53 9.48
C ASP B 36 3.46 -4.28 9.02
N ASN B 37 4.22 -3.20 8.86
CA ASN B 37 3.64 -1.95 8.43
C ASN B 37 4.33 -1.40 7.26
N PRO B 38 3.60 -0.61 6.44
CA PRO B 38 4.10 -0.28 5.11
C PRO B 38 5.33 0.60 5.12
N GLY B 39 5.29 1.69 5.91
CA GLY B 39 6.39 2.67 5.92
C GLY B 39 7.68 2.23 6.58
N GLU B 40 7.70 1.02 7.13
CA GLU B 40 8.85 0.48 7.82
C GLU B 40 9.33 -0.72 7.03
N LYS B 41 10.50 -0.60 6.38
CA LYS B 41 11.13 -1.75 5.66
C LYS B 41 11.27 -2.98 6.55
N ALA B 42 10.54 -4.04 6.20
CA ALA B 42 10.58 -5.33 6.93
C ALA B 42 11.77 -6.22 6.46
N PHE B 43 13.00 -5.72 6.54
CA PHE B 43 14.25 -6.48 6.28
C PHE B 43 14.48 -7.61 7.29
N TYR B 44 13.95 -7.41 8.49
CA TYR B 44 14.19 -8.28 9.62
C TYR B 44 13.41 -9.58 9.47
N GLY B 45 13.85 -10.58 10.23
CA GLY B 45 13.18 -11.90 10.23
C GLY B 45 11.76 -11.83 10.75
N SER B 46 10.96 -12.79 10.33
CA SER B 46 9.54 -12.80 10.65
C SER B 46 9.27 -13.76 11.77
N VAL B 47 8.73 -13.22 12.85
CA VAL B 47 8.40 -13.97 14.05
C VAL B 47 7.30 -14.99 13.78
N ALA B 48 6.23 -14.52 13.13
CA ALA B 48 5.10 -15.35 12.69
C ALA B 48 5.50 -16.50 11.76
N ARG B 49 6.49 -16.25 10.88
CA ARG B 49 6.99 -17.30 9.96
CA ARG B 49 6.95 -17.31 9.99
C ARG B 49 7.66 -18.34 10.82
N LEU B 50 8.46 -17.84 11.77
CA LEU B 50 9.24 -18.67 12.64
C LEU B 50 8.33 -19.59 13.41
N ALA B 51 7.26 -19.00 13.96
CA ALA B 51 6.30 -19.74 14.75
C ALA B 51 5.53 -20.72 13.88
N ALA B 52 4.94 -20.21 12.81
CA ALA B 52 4.25 -21.04 11.86
C ALA B 52 5.09 -22.26 11.42
N GLU B 53 6.38 -22.07 11.15
CA GLU B 53 7.22 -23.19 10.65
C GLU B 53 7.51 -24.26 11.69
N ARG B 54 7.42 -23.92 12.98
CA ARG B 54 7.61 -24.87 14.10
C ARG B 54 6.32 -25.51 14.55
N GLY B 55 5.18 -25.07 14.05
CA GLY B 55 3.91 -25.50 14.62
C GLY B 55 3.55 -24.82 15.93
N ILE B 56 4.11 -23.64 16.18
CA ILE B 56 3.77 -22.90 17.37
C ILE B 56 2.60 -21.96 17.04
N PRO B 57 1.50 -22.01 17.86
CA PRO B 57 0.41 -21.02 17.75
C PRO B 57 0.95 -19.62 17.82
N VAL B 58 0.47 -18.75 16.91
CA VAL B 58 0.95 -17.37 16.78
C VAL B 58 -0.19 -16.36 16.52
N TYR B 59 -0.26 -15.27 17.30
CA TYR B 59 -1.39 -14.30 17.26
C TYR B 59 -0.83 -12.91 17.20
N ALA B 60 -1.52 -12.02 16.49
CA ALA B 60 -1.09 -10.61 16.38
C ALA B 60 -2.13 -9.58 16.81
N PRO B 61 -2.92 -9.86 17.86
CA PRO B 61 -3.94 -8.85 18.14
C PRO B 61 -3.32 -7.51 18.52
N ASP B 62 -4.06 -6.44 18.26
CA ASP B 62 -3.65 -5.12 18.74
CA ASP B 62 -3.68 -5.11 18.73
C ASP B 62 -3.96 -4.99 20.23
N ASN B 63 -4.84 -5.85 20.74
CA ASN B 63 -5.38 -5.76 22.11
C ASN B 63 -5.14 -6.99 22.98
N VAL B 64 -3.87 -7.28 23.28
CA VAL B 64 -3.55 -8.49 24.05
C VAL B 64 -3.98 -8.43 25.52
N ASN B 65 -4.18 -7.24 26.06
CA ASN B 65 -4.78 -7.10 27.43
C ASN B 65 -6.32 -7.26 27.55
N HIS B 66 -6.99 -7.53 26.43
CA HIS B 66 -8.42 -7.75 26.43
C HIS B 66 -8.71 -9.02 27.23
N PRO B 67 -9.66 -8.98 28.21
CA PRO B 67 -10.08 -10.13 29.02
C PRO B 67 -10.00 -11.54 28.40
N LEU B 68 -10.37 -11.65 27.12
CA LEU B 68 -10.43 -12.92 26.44
C LEU B 68 -9.06 -13.39 25.96
N TRP B 69 -8.09 -12.48 25.76
CA TRP B 69 -6.70 -12.90 25.51
C TRP B 69 -6.01 -13.26 26.83
N VAL B 70 -6.33 -12.49 27.89
CA VAL B 70 -5.84 -12.80 29.24
C VAL B 70 -6.21 -14.23 29.59
N GLU B 71 -7.47 -14.58 29.36
CA GLU B 71 -7.96 -15.90 29.75
C GLU B 71 -7.44 -16.99 28.82
N ARG B 72 -7.21 -16.63 27.57
CA ARG B 72 -6.45 -17.48 26.68
C ARG B 72 -5.06 -17.82 27.27
N ILE B 73 -4.34 -16.79 27.70
CA ILE B 73 -2.96 -16.91 28.24
C ILE B 73 -2.97 -17.74 29.52
N ALA B 74 -3.81 -17.33 30.47
CA ALA B 74 -4.17 -18.09 31.68
C ALA B 74 -4.30 -19.57 31.43
N GLN B 75 -5.16 -19.91 30.48
CA GLN B 75 -5.39 -21.32 30.08
C GLN B 75 -4.17 -22.08 29.50
N LEU B 76 -3.16 -21.37 29.02
CA LEU B 76 -1.91 -22.00 28.54
C LEU B 76 -0.92 -22.29 29.66
N SER B 77 -1.21 -21.81 30.87
CA SER B 77 -0.50 -22.22 32.09
C SER B 77 1.00 -22.01 31.95
N PRO B 78 1.40 -20.81 31.53
CA PRO B 78 2.83 -20.57 31.32
C PRO B 78 3.53 -20.56 32.66
N ASP B 79 4.75 -21.09 32.70
CA ASP B 79 5.59 -20.96 33.89
C ASP B 79 6.28 -19.62 33.88
N VAL B 80 6.76 -19.21 32.71
CA VAL B 80 7.53 -17.98 32.53
C VAL B 80 7.01 -17.18 31.30
N ILE B 81 7.42 -15.93 31.14
CA ILE B 81 6.99 -15.07 30.03
C ILE B 81 8.17 -14.32 29.44
N PHE B 82 8.36 -14.40 28.12
CA PHE B 82 9.43 -13.61 27.47
C PHE B 82 8.92 -12.66 26.42
N SER B 83 9.41 -11.42 26.55
CA SER B 83 9.24 -10.38 25.55
C SER B 83 10.57 -10.15 24.83
N PHE B 84 10.57 -10.38 23.53
CA PHE B 84 11.72 -10.09 22.72
C PHE B 84 11.33 -9.01 21.69
N TYR B 85 11.56 -7.75 22.07
CA TYR B 85 11.27 -6.61 21.22
C TYR B 85 9.76 -6.48 20.74
N TYR B 86 8.83 -6.98 21.57
CA TYR B 86 7.40 -6.67 21.47
C TYR B 86 7.25 -5.21 21.75
N ARG B 87 6.17 -4.61 21.26
CA ARG B 87 6.09 -3.17 21.07
C ARG B 87 5.01 -2.50 21.93
N HIS B 88 4.05 -3.29 22.42
CA HIS B 88 3.01 -2.76 23.27
C HIS B 88 3.10 -3.28 24.68
N LEU B 89 2.54 -2.48 25.59
CA LEU B 89 2.49 -2.82 27.00
C LEU B 89 1.65 -4.05 27.21
N ILE B 90 2.06 -4.82 28.21
CA ILE B 90 1.44 -6.08 28.60
C ILE B 90 1.08 -5.84 30.03
N TYR B 91 -0.21 -5.89 30.34
CA TYR B 91 -0.68 -5.43 31.65
C TYR B 91 -0.32 -6.45 32.69
N ASP B 92 -0.41 -6.00 33.95
CA ASP B 92 -0.03 -6.79 35.11
C ASP B 92 -0.88 -8.04 35.18
N GLU B 93 -2.16 -7.91 34.81
CA GLU B 93 -3.06 -9.08 34.71
C GLU B 93 -2.37 -10.27 33.98
N ILE B 94 -1.74 -10.01 32.84
CA ILE B 94 -1.00 -11.05 32.12
C ILE B 94 0.32 -11.39 32.83
N LEU B 95 1.10 -10.34 33.12
CA LEU B 95 2.42 -10.49 33.79
C LEU B 95 2.40 -11.37 35.04
N GLN B 96 1.33 -11.24 35.82
CA GLN B 96 1.12 -12.08 37.01
C GLN B 96 1.08 -13.55 36.65
N LEU B 97 0.20 -13.93 35.73
CA LEU B 97 -0.13 -15.36 35.48
C LEU B 97 1.03 -16.38 35.45
N ALA B 98 2.25 -15.89 35.27
CA ALA B 98 3.45 -16.71 35.33
C ALA B 98 4.10 -16.64 36.73
N PRO B 99 4.11 -17.77 37.48
CA PRO B 99 4.83 -17.91 38.77
C PRO B 99 6.32 -17.57 38.73
N ALA B 100 7.05 -18.13 37.77
CA ALA B 100 8.45 -17.78 37.55
C ALA B 100 8.67 -16.32 37.13
N GLY B 101 7.59 -15.66 36.68
CA GLY B 101 7.60 -14.22 36.38
C GLY B 101 7.88 -14.03 34.91
N ALA B 102 8.37 -12.86 34.54
CA ALA B 102 8.36 -12.41 33.15
C ALA B 102 9.56 -11.52 32.88
N PHE B 103 10.20 -11.68 31.73
CA PHE B 103 11.47 -11.01 31.46
C PHE B 103 11.43 -10.24 30.12
N ASN B 104 12.33 -9.28 29.90
CA ASN B 104 12.37 -8.53 28.64
C ASN B 104 13.77 -8.31 28.08
N LEU B 105 14.00 -8.62 26.79
CA LEU B 105 15.28 -8.31 26.14
C LEU B 105 15.28 -6.91 25.58
N HIS B 106 16.08 -6.04 26.16
CA HIS B 106 16.16 -4.63 25.69
C HIS B 106 17.56 -4.27 25.20
N GLY B 107 17.64 -3.66 24.02
CA GLY B 107 18.95 -3.25 23.45
C GLY B 107 19.63 -1.99 24.00
N SER B 108 19.66 -1.81 25.31
CA SER B 108 20.49 -0.75 25.90
C SER B 108 21.16 -1.18 27.19
N LEU B 109 22.21 -0.44 27.56
CA LEU B 109 22.78 -0.51 28.90
C LEU B 109 21.81 0.15 29.88
N LEU B 110 20.79 -0.58 30.31
CA LEU B 110 19.78 -0.05 31.24
C LEU B 110 20.40 0.28 32.61
N PRO B 111 19.96 1.35 33.28
CA PRO B 111 18.72 2.09 32.98
C PRO B 111 18.85 3.25 31.98
N LYS B 112 19.98 3.35 31.28
CA LYS B 112 20.13 4.35 30.24
C LYS B 112 19.41 3.86 28.99
N TYR B 113 18.86 4.80 28.22
CA TYR B 113 18.10 4.53 27.00
C TYR B 113 16.94 3.53 27.22
N ARG B 114 16.21 3.73 28.31
CA ARG B 114 14.91 3.10 28.47
C ARG B 114 14.05 3.67 27.37
N GLY B 115 12.94 2.99 27.10
CA GLY B 115 11.95 3.49 26.16
C GLY B 115 12.13 2.86 24.80
N ARG B 116 11.97 3.66 23.74
CA ARG B 116 11.79 3.10 22.41
C ARG B 116 12.97 3.40 21.54
N ALA B 117 13.18 2.50 20.57
CA ALA B 117 14.21 2.65 19.52
C ALA B 117 15.61 2.97 20.05
N PRO B 118 16.04 2.28 21.14
CA PRO B 118 17.32 2.61 21.78
C PRO B 118 18.51 2.39 20.85
N LEU B 119 18.37 1.47 19.88
CA LEU B 119 19.38 1.31 18.81
C LEU B 119 19.63 2.63 18.06
N ASN B 120 18.54 3.33 17.77
CA ASN B 120 18.56 4.50 16.90
C ASN B 120 18.96 5.76 17.61
N TRP B 121 18.43 5.93 18.83
CA TRP B 121 18.80 6.99 19.77
C TRP B 121 20.28 7.12 20.16
N VAL B 122 20.95 6.01 20.47
CA VAL B 122 22.37 6.10 20.87
C VAL B 122 23.28 6.62 19.72
N LEU B 123 22.91 6.33 18.46
CA LEU B 123 23.65 6.87 17.31
C LEU B 123 23.40 8.38 17.09
N VAL B 124 22.16 8.78 17.31
CA VAL B 124 21.75 10.18 17.19
C VAL B 124 22.56 10.97 18.19
N ASN B 125 22.50 10.50 19.45
CA ASN B 125 23.18 11.10 20.60
C ASN B 125 24.68 10.91 20.69
N GLY B 126 25.25 10.17 19.75
CA GLY B 126 26.68 10.14 19.55
C GLY B 126 27.40 9.32 20.60
N GLU B 127 26.69 8.33 21.13
CA GLU B 127 27.23 7.43 22.12
C GLU B 127 28.37 6.61 21.49
N THR B 128 29.47 6.54 22.22
CA THR B 128 30.60 5.68 21.92
C THR B 128 30.33 4.24 22.29
N GLU B 129 29.39 3.98 23.20
CA GLU B 129 29.08 2.62 23.66
C GLU B 129 27.58 2.37 23.83
N THR B 130 27.14 1.13 23.68
CA THR B 130 25.79 0.73 24.09
C THR B 130 25.83 -0.69 24.67
N GLY B 131 24.69 -1.39 24.68
CA GLY B 131 24.68 -2.74 25.18
C GLY B 131 23.33 -3.40 25.03
N VAL B 132 23.15 -4.53 25.70
CA VAL B 132 21.91 -5.33 25.63
C VAL B 132 21.65 -5.79 27.04
N THR B 133 20.38 -5.76 27.44
CA THR B 133 20.00 -6.03 28.79
C THR B 133 18.77 -6.92 28.83
N LEU B 134 18.89 -8.02 29.56
CA LEU B 134 17.77 -8.85 29.89
C LEU B 134 17.39 -8.47 31.31
N HIS B 135 16.09 -8.46 31.59
CA HIS B 135 15.60 -7.95 32.87
C HIS B 135 14.15 -8.34 33.15
N ARG B 136 13.70 -8.18 34.40
CA ARG B 136 12.31 -8.47 34.76
C ARG B 136 11.33 -7.42 34.21
N MET B 137 10.23 -7.92 33.62
CA MET B 137 9.17 -7.09 33.05
C MET B 137 8.27 -6.69 34.20
N VAL B 138 8.02 -5.38 34.31
CA VAL B 138 7.05 -4.82 35.28
C VAL B 138 6.12 -3.80 34.60
N LYS B 139 5.06 -3.38 35.31
CA LYS B 139 4.14 -2.40 34.77
C LYS B 139 4.90 -1.27 34.04
N ARG B 140 5.90 -0.69 34.69
CA ARG B 140 6.61 0.51 34.19
C ARG B 140 7.57 0.21 33.01
N ALA B 141 7.78 1.23 32.16
CA ALA B 141 8.54 1.09 30.91
C ALA B 141 10.03 0.72 31.10
N ASP B 142 10.35 -0.56 30.82
CA ASP B 142 11.74 -1.09 30.84
C ASP B 142 12.48 -0.88 32.19
N ALA B 143 11.77 -1.17 33.29
CA ALA B 143 12.11 -0.65 34.64
C ALA B 143 12.57 -1.67 35.69
N GLY B 144 12.10 -2.91 35.59
CA GLY B 144 12.46 -3.95 36.52
C GLY B 144 13.93 -4.40 36.53
N ALA B 145 14.18 -5.42 37.37
CA ALA B 145 15.52 -5.74 37.82
C ALA B 145 16.40 -6.37 36.74
N ILE B 146 17.61 -5.85 36.63
CA ILE B 146 18.57 -6.28 35.63
C ILE B 146 19.16 -7.65 35.95
N VAL B 147 18.70 -8.68 35.27
CA VAL B 147 19.22 -10.05 35.39
C VAL B 147 20.60 -10.23 34.76
N ALA B 148 20.83 -9.59 33.62
CA ALA B 148 22.15 -9.57 32.97
C ALA B 148 22.20 -8.45 31.99
N GLN B 149 23.41 -7.96 31.73
CA GLN B 149 23.66 -6.83 30.85
C GLN B 149 24.98 -7.12 30.16
N LEU B 150 25.11 -6.68 28.90
CA LEU B 150 26.30 -6.96 28.11
C LEU B 150 26.62 -5.76 27.20
N ARG B 151 27.88 -5.33 27.24
CA ARG B 151 28.32 -4.05 26.70
C ARG B 151 28.92 -4.22 25.31
N ILE B 152 28.83 -3.16 24.51
CA ILE B 152 29.48 -3.12 23.22
C ILE B 152 29.87 -1.68 22.82
N ALA B 153 31.00 -1.58 22.13
CA ALA B 153 31.46 -0.37 21.51
C ALA B 153 30.65 -0.06 20.26
N ILE B 154 30.27 1.21 20.17
CA ILE B 154 29.80 1.82 18.95
C ILE B 154 31.06 2.42 18.39
N ALA B 155 31.40 2.10 17.15
CA ALA B 155 32.52 2.72 16.45
C ALA B 155 32.07 4.02 15.70
N PRO B 156 33.01 4.95 15.37
CA PRO B 156 32.63 6.16 14.60
C PRO B 156 31.86 5.91 13.29
N ASP B 157 32.30 4.90 12.52
CA ASP B 157 31.69 4.56 11.25
C ASP B 157 30.50 3.55 11.36
N ASP B 158 30.17 3.04 12.56
CA ASP B 158 28.95 2.23 12.73
C ASP B 158 27.70 3.04 12.35
N ILE B 159 26.79 2.38 11.60
CA ILE B 159 25.47 2.93 11.28
C ILE B 159 24.43 2.05 11.94
N ALA B 160 23.15 2.36 11.77
CA ALA B 160 22.06 1.63 12.42
C ALA B 160 22.08 0.14 12.20
N ILE B 161 22.42 -0.28 10.97
CA ILE B 161 22.31 -1.72 10.54
C ILE B 161 23.47 -2.57 11.01
N THR B 162 24.68 -2.02 11.00
CA THR B 162 25.83 -2.68 11.65
C THR B 162 25.66 -2.81 13.17
N LEU B 163 25.27 -1.71 13.83
CA LEU B 163 25.09 -1.73 15.27
C LEU B 163 23.98 -2.67 15.62
N HIS B 164 22.93 -2.65 14.79
CA HIS B 164 21.83 -3.64 14.94
C HIS B 164 22.37 -5.07 14.94
N HIS B 165 23.26 -5.42 14.01
CA HIS B 165 23.80 -6.80 13.96
C HIS B 165 24.69 -7.13 15.17
N LYS B 166 25.46 -6.15 15.61
CA LYS B 166 26.19 -6.26 16.88
C LYS B 166 25.26 -6.31 18.12
N LEU B 167 24.12 -5.62 18.11
CA LEU B 167 23.14 -5.83 19.25
C LEU B 167 22.54 -7.26 19.24
N CYS B 168 22.30 -7.81 18.05
CA CYS B 168 21.76 -9.17 17.92
C CYS B 168 22.78 -10.25 18.34
N HIS B 169 24.05 -10.11 17.91
CA HIS B 169 25.13 -11.08 18.26
C HIS B 169 25.30 -11.10 19.75
N ALA B 170 25.36 -9.91 20.37
CA ALA B 170 25.43 -9.78 21.82
C ALA B 170 24.20 -10.33 22.53
N ALA B 171 23.03 -10.16 21.93
CA ALA B 171 21.81 -10.67 22.51
C ALA B 171 21.79 -12.20 22.60
N ARG B 172 22.17 -12.88 21.52
CA ARG B 172 22.25 -14.33 21.53
C ARG B 172 23.28 -14.81 22.59
N GLN B 173 24.39 -14.09 22.71
CA GLN B 173 25.37 -14.42 23.72
C GLN B 173 24.76 -14.27 25.09
N LEU B 174 24.08 -13.14 25.29
CA LEU B 174 23.34 -12.87 26.53
C LEU B 174 22.42 -14.07 26.85
N LEU B 175 21.58 -14.47 25.92
CA LEU B 175 20.58 -15.52 26.21
C LEU B 175 21.23 -16.88 26.55
N GLU B 176 22.35 -17.20 25.90
CA GLU B 176 23.16 -18.37 26.30
C GLU B 176 23.79 -18.25 27.72
N GLN B 177 24.19 -17.04 28.11
CA GLN B 177 24.71 -16.78 29.47
C GLN B 177 23.61 -16.56 30.51
N THR B 178 22.36 -16.93 30.22
CA THR B 178 21.25 -16.49 31.07
C THR B 178 20.11 -17.47 31.15
N LEU B 179 19.72 -18.06 30.01
CA LEU B 179 18.55 -18.93 29.99
C LEU B 179 18.70 -20.20 30.84
N PRO B 180 19.93 -20.75 30.98
CA PRO B 180 20.03 -21.85 31.94
C PRO B 180 19.67 -21.48 33.39
N ALA B 181 20.17 -20.35 33.90
CA ALA B 181 19.87 -19.88 35.27
C ALA B 181 18.36 -19.66 35.56
N ILE B 182 17.69 -18.94 34.67
CA ILE B 182 16.24 -18.78 34.72
C ILE B 182 15.53 -20.14 34.76
N LYS B 183 15.90 -21.03 33.87
CA LYS B 183 15.29 -22.35 33.83
C LYS B 183 15.52 -23.10 35.17
N HIS B 184 16.74 -23.06 35.67
CA HIS B 184 17.10 -23.80 36.89
C HIS B 184 16.57 -23.15 38.19
N GLY B 185 16.25 -21.86 38.15
CA GLY B 185 15.73 -21.14 39.30
C GLY B 185 16.76 -20.31 40.04
N ASN B 186 17.95 -20.17 39.47
CA ASN B 186 19.02 -19.40 40.10
C ASN B 186 19.20 -17.99 39.49
N ILE B 187 18.27 -17.09 39.81
CA ILE B 187 18.19 -15.75 39.19
C ILE B 187 18.71 -14.73 40.17
N LEU B 188 19.76 -14.02 39.78
CA LEU B 188 20.29 -12.87 40.54
C LEU B 188 19.72 -11.59 39.92
N GLU B 189 19.00 -10.81 40.73
CA GLU B 189 18.39 -9.55 40.29
C GLU B 189 19.18 -8.35 40.87
N ILE B 190 19.26 -7.26 40.10
CA ILE B 190 19.66 -5.95 40.66
C ILE B 190 18.69 -4.90 40.13
N ALA B 191 18.07 -4.11 41.01
CA ALA B 191 17.21 -3.02 40.55
C ALA B 191 18.07 -1.94 39.93
N GLN B 192 17.44 -1.15 39.08
CA GLN B 192 18.12 -0.11 38.32
C GLN B 192 18.24 1.18 39.15
N ARG B 193 19.29 1.96 38.90
CA ARG B 193 19.53 3.21 39.64
C ARG B 193 18.61 4.31 39.10
N GLU B 194 17.44 4.46 39.73
CA GLU B 194 16.34 5.32 39.22
C GLU B 194 16.75 6.73 38.77
N ASN B 195 17.64 7.40 39.51
CA ASN B 195 18.07 8.77 39.12
C ASN B 195 19.25 8.81 38.13
N GLU B 196 19.75 7.63 37.74
CA GLU B 196 20.63 7.52 36.58
C GLU B 196 19.86 7.21 35.26
N ALA B 197 18.55 6.95 35.37
CA ALA B 197 17.73 6.51 34.22
C ALA B 197 17.46 7.61 33.20
N THR B 198 17.78 7.33 31.93
CA THR B 198 17.24 8.08 30.79
C THR B 198 16.16 7.24 30.11
N CYS B 199 15.01 7.86 29.94
CA CYS B 199 13.91 7.37 29.09
C CYS B 199 14.06 8.07 27.74
N PHE B 200 13.64 7.39 26.68
CA PHE B 200 13.55 8.03 25.37
C PHE B 200 12.27 7.65 24.65
N GLY B 201 11.73 8.56 23.84
CA GLY B 201 10.40 8.39 23.27
C GLY B 201 10.28 7.66 21.95
N ARG B 202 9.02 7.38 21.59
CA ARG B 202 8.63 6.87 20.27
C ARG B 202 9.29 7.70 19.19
N ARG B 203 9.66 7.05 18.08
CA ARG B 203 10.29 7.73 16.91
C ARG B 203 9.49 7.51 15.62
N THR B 204 9.51 8.52 14.75
CA THR B 204 8.87 8.47 13.41
C THR B 204 9.82 8.96 12.33
N PRO B 205 9.56 8.61 11.04
CA PRO B 205 10.36 9.20 9.95
C PRO B 205 10.57 10.72 10.03
N ASP B 206 9.62 11.48 10.57
CA ASP B 206 9.81 12.95 10.63
C ASP B 206 10.79 13.43 11.73
N ASP B 207 11.09 12.60 12.72
CA ASP B 207 12.14 12.95 13.72
C ASP B 207 13.55 13.00 13.11
N SER B 208 13.70 12.49 11.88
CA SER B 208 14.97 12.58 11.13
C SER B 208 15.12 13.78 10.15
N PHE B 209 14.33 14.82 10.35
CA PHE B 209 14.43 16.08 9.55
C PHE B 209 15.80 16.73 9.81
N LEU B 210 16.54 17.05 8.74
CA LEU B 210 17.85 17.74 8.78
C LEU B 210 17.73 19.28 8.77
N GLU B 211 17.83 19.88 9.95
CA GLU B 211 17.98 21.34 10.07
C GLU B 211 19.46 21.69 10.05
N TRP B 212 19.87 22.40 8.99
CA TRP B 212 21.29 22.72 8.75
C TRP B 212 21.92 23.78 9.67
N HIS B 213 21.15 24.48 10.50
CA HIS B 213 21.75 25.36 11.51
C HIS B 213 22.52 24.62 12.60
N LYS B 214 22.06 23.42 12.99
CA LYS B 214 22.77 22.55 13.94
C LYS B 214 24.22 22.23 13.51
N PRO B 215 25.05 21.75 14.47
CA PRO B 215 26.41 21.28 14.18
C PRO B 215 26.43 20.11 13.21
N ALA B 216 27.38 20.14 12.28
CA ALA B 216 27.64 19.04 11.32
C ALA B 216 27.61 17.66 11.95
N SER B 217 28.42 17.51 13.01
CA SER B 217 28.59 16.25 13.73
C SER B 217 27.25 15.65 14.18
N VAL B 218 26.35 16.52 14.68
CA VAL B 218 25.04 16.09 15.20
C VAL B 218 24.14 15.64 14.04
N LEU B 219 24.29 16.30 12.89
CA LEU B 219 23.55 15.98 11.66
C LEU B 219 24.04 14.68 11.02
N HIS B 220 25.37 14.55 10.90
CA HIS B 220 26.03 13.29 10.51
C HIS B 220 25.58 12.14 11.38
N ASN B 221 25.34 12.39 12.65
CA ASN B 221 24.83 11.34 13.50
C ASN B 221 23.38 10.97 13.20
N MET B 222 22.57 11.95 12.75
CA MET B 222 21.18 11.65 12.37
CA MET B 222 21.18 11.70 12.35
C MET B 222 21.12 10.83 11.09
N VAL B 223 22.12 10.97 10.19
CA VAL B 223 22.22 10.13 8.97
C VAL B 223 22.51 8.68 9.37
N ARG B 224 23.65 8.45 10.00
CA ARG B 224 24.04 7.16 10.54
C ARG B 224 22.92 6.39 11.27
N ALA B 225 22.12 7.13 12.04
CA ALA B 225 21.13 6.55 12.92
C ALA B 225 19.90 5.94 12.27
N VAL B 226 19.52 6.49 11.10
CA VAL B 226 18.34 6.05 10.37
C VAL B 226 18.66 5.76 8.91
N ALA B 227 19.92 5.43 8.66
CA ALA B 227 20.34 5.01 7.34
C ALA B 227 19.66 3.70 7.04
N ASP B 228 19.61 3.41 5.74
CA ASP B 228 18.97 2.22 5.18
C ASP B 228 19.48 0.99 5.87
N PRO B 229 18.62 0.08 6.34
CA PRO B 229 17.19 -0.01 5.96
C PRO B 229 16.21 0.76 6.85
N TRP B 230 16.67 1.73 7.66
CA TRP B 230 15.74 2.67 8.32
C TRP B 230 15.31 3.82 7.38
N PRO B 231 14.36 4.70 7.80
CA PRO B 231 13.68 5.56 6.83
C PRO B 231 14.49 6.66 6.18
N GLY B 232 15.63 7.04 6.74
CA GLY B 232 16.54 7.96 6.05
C GLY B 232 16.39 9.39 6.49
N ALA B 233 17.50 10.12 6.53
CA ALA B 233 17.51 11.48 7.06
C ALA B 233 17.32 12.37 5.86
N PHE B 234 16.45 13.37 5.98
CA PHE B 234 16.03 14.13 4.81
C PHE B 234 16.17 15.64 4.95
N SER B 235 16.06 16.31 3.79
CA SER B 235 16.04 17.77 3.69
C SER B 235 15.18 18.14 2.46
N TYR B 236 15.17 19.42 2.08
CA TYR B 236 14.39 19.92 0.93
C TYR B 236 15.14 20.84 -0.05
N VAL B 237 14.70 20.80 -1.30
CA VAL B 237 15.16 21.69 -2.36
C VAL B 237 13.87 22.25 -2.92
N GLY B 238 13.50 23.44 -2.45
CA GLY B 238 12.17 23.96 -2.72
C GLY B 238 11.20 23.05 -1.98
N ASN B 239 10.29 22.42 -2.71
CA ASN B 239 9.37 21.45 -2.09
C ASN B 239 9.80 19.98 -2.31
N GLN B 240 10.92 19.80 -3.04
CA GLN B 240 11.55 18.48 -3.30
C GLN B 240 12.22 17.88 -2.08
N LYS B 241 11.54 16.93 -1.44
CA LYS B 241 12.16 16.16 -0.36
C LYS B 241 13.31 15.34 -0.95
N PHE B 242 14.45 15.32 -0.27
CA PHE B 242 15.48 14.35 -0.61
C PHE B 242 16.04 13.72 0.61
N THR B 243 16.64 12.55 0.37
CA THR B 243 17.20 11.74 1.43
C THR B 243 18.74 11.64 1.34
N VAL B 244 19.39 11.77 2.50
CA VAL B 244 20.83 11.55 2.72
C VAL B 244 21.02 10.17 3.37
N TRP B 245 21.41 9.19 2.56
CA TRP B 245 21.67 7.83 3.01
C TRP B 245 23.00 7.69 3.69
N SER B 246 24.01 8.43 3.19
CA SER B 246 25.32 8.44 3.84
C SER B 246 26.05 9.79 3.73
N SER B 247 26.90 10.02 4.73
CA SER B 247 27.57 11.28 4.91
C SER B 247 28.94 11.18 5.62
N ARG B 248 29.62 12.32 5.67
CA ARG B 248 31.01 12.44 6.11
C ARG B 248 31.24 13.89 6.52
N VAL B 249 31.65 14.09 7.76
CA VAL B 249 31.96 15.42 8.29
C VAL B 249 33.24 15.99 7.64
N HIS B 250 33.19 17.22 7.11
CA HIS B 250 34.37 17.92 6.60
C HIS B 250 34.45 19.33 7.22
N PRO B 251 35.20 19.52 8.35
CA PRO B 251 35.18 20.83 9.07
C PRO B 251 35.95 21.96 8.38
N ALA B 256 30.74 30.39 4.55
CA ALA B 256 29.43 30.08 3.94
C ALA B 256 28.33 29.86 5.00
N GLN B 257 27.08 30.17 4.63
CA GLN B 257 25.95 30.28 5.59
C GLN B 257 25.28 28.92 5.74
N PRO B 258 24.65 28.66 6.90
CA PRO B 258 24.17 27.30 7.21
C PRO B 258 23.01 26.85 6.33
N GLY B 259 23.23 25.80 5.55
CA GLY B 259 22.23 25.31 4.61
C GLY B 259 22.56 25.67 3.19
N SER B 260 23.68 26.37 2.99
CA SER B 260 24.20 26.67 1.66
C SER B 260 24.96 25.50 1.12
N VAL B 261 24.99 25.40 -0.20
CA VAL B 261 25.83 24.45 -0.87
C VAL B 261 27.20 25.11 -1.05
N ILE B 262 28.25 24.46 -0.55
CA ILE B 262 29.65 24.88 -0.71
C ILE B 262 30.24 24.37 -2.04
N SER B 263 29.98 23.11 -2.39
CA SER B 263 30.36 22.55 -3.71
C SER B 263 29.37 21.48 -4.20
N VAL B 264 29.48 21.09 -5.45
CA VAL B 264 28.58 20.08 -6.03
C VAL B 264 29.25 18.78 -6.50
N ALA B 265 30.59 18.71 -6.41
CA ALA B 265 31.31 17.43 -6.57
C ALA B 265 32.67 17.52 -5.88
N PRO B 266 32.76 17.15 -4.60
CA PRO B 266 31.68 16.55 -3.82
C PRO B 266 30.55 17.51 -3.50
N LEU B 267 29.35 16.95 -3.30
CA LEU B 267 28.23 17.71 -2.78
C LEU B 267 28.54 17.96 -1.33
N LEU B 268 28.93 19.20 -1.01
CA LEU B 268 29.14 19.65 0.38
C LEU B 268 28.12 20.71 0.79
N ILE B 269 27.71 20.66 2.06
CA ILE B 269 26.71 21.59 2.64
C ILE B 269 27.25 22.14 3.94
N ALA B 270 27.15 23.45 4.12
CA ALA B 270 27.63 24.09 5.32
C ALA B 270 26.58 23.95 6.41
N CYS B 271 27.04 23.69 7.63
CA CYS B 271 26.18 23.65 8.82
C CYS B 271 26.56 24.74 9.85
N GLY B 272 26.05 24.64 11.08
CA GLY B 272 26.38 25.56 12.17
C GLY B 272 27.87 25.68 12.48
N ASP B 273 28.39 24.73 13.24
CA ASP B 273 29.82 24.45 13.23
C ASP B 273 30.11 23.34 12.19
N GLY B 274 31.03 23.64 11.28
CA GLY B 274 31.51 22.69 10.27
C GLY B 274 30.66 22.63 9.02
N ALA B 275 31.01 21.69 8.14
CA ALA B 275 30.20 21.31 6.99
C ALA B 275 29.83 19.79 7.00
N LEU B 276 29.13 19.34 5.95
CA LEU B 276 28.73 17.91 5.79
C LEU B 276 28.67 17.47 4.35
N GLU B 277 29.30 16.34 4.04
CA GLU B 277 29.31 15.74 2.68
C GLU B 277 28.14 14.78 2.53
N ILE B 278 27.33 14.99 1.51
CA ILE B 278 26.30 14.04 1.15
C ILE B 278 27.00 13.08 0.21
N VAL B 279 27.31 11.89 0.72
CA VAL B 279 28.03 10.87 -0.05
C VAL B 279 27.09 10.19 -1.07
N THR B 280 25.93 9.73 -0.57
CA THR B 280 24.88 9.13 -1.39
C THR B 280 23.50 9.54 -0.92
N GLY B 281 22.57 9.55 -1.86
CA GLY B 281 21.19 9.97 -1.61
C GLY B 281 20.23 9.70 -2.76
N GLN B 282 18.96 10.06 -2.54
CA GLN B 282 17.96 10.04 -3.58
C GLN B 282 17.06 11.26 -3.48
N ALA B 283 16.55 11.69 -4.63
CA ALA B 283 15.52 12.71 -4.72
C ALA B 283 14.20 12.00 -4.66
N GLY B 284 13.35 12.44 -3.73
CA GLY B 284 11.98 11.96 -3.71
C GLY B 284 12.04 10.46 -3.55
N ASP B 285 11.24 9.76 -4.32
CA ASP B 285 11.17 8.31 -4.25
C ASP B 285 12.12 7.65 -5.26
N GLY B 286 12.95 8.45 -5.94
CA GLY B 286 13.86 7.98 -6.98
C GLY B 286 14.96 7.08 -6.46
N ILE B 287 15.86 6.68 -7.34
CA ILE B 287 16.85 5.68 -6.99
C ILE B 287 17.96 6.31 -6.15
N THR B 288 18.69 5.46 -5.44
CA THR B 288 19.85 5.91 -4.71
C THR B 288 21.01 6.17 -5.70
N MET B 289 21.74 7.26 -5.50
CA MET B 289 22.80 7.67 -6.39
C MET B 289 23.88 8.42 -5.61
N GLN B 290 25.08 8.55 -6.20
CA GLN B 290 26.14 9.38 -5.55
C GLN B 290 25.71 10.88 -5.44
N GLY B 291 26.24 11.60 -4.45
CA GLY B 291 25.92 13.01 -4.21
C GLY B 291 26.01 13.99 -5.40
N SER B 292 27.02 13.79 -6.24
CA SER B 292 27.29 14.64 -7.41
C SER B 292 26.19 14.51 -8.43
N GLN B 293 25.81 13.26 -8.69
CA GLN B 293 24.62 12.98 -9.49
C GLN B 293 23.33 13.42 -8.75
N LEU B 294 23.32 13.42 -7.42
CA LEU B 294 22.14 13.93 -6.70
C LEU B 294 22.00 15.45 -6.93
N ALA B 295 23.00 16.22 -6.52
CA ALA B 295 23.03 17.68 -6.85
C ALA B 295 22.48 18.00 -8.24
N GLN B 296 22.97 17.30 -9.27
CA GLN B 296 22.48 17.51 -10.65
C GLN B 296 20.99 17.16 -10.82
N THR B 297 20.50 16.14 -10.13
CA THR B 297 19.07 15.82 -10.13
C THR B 297 18.23 16.92 -9.45
N LEU B 298 18.76 17.42 -8.33
CA LEU B 298 18.05 18.45 -7.56
C LEU B 298 18.23 19.80 -8.23
N GLY B 299 19.27 19.93 -9.06
CA GLY B 299 19.60 21.18 -9.74
C GLY B 299 20.27 22.15 -8.80
N LEU B 300 20.95 21.63 -7.77
CA LEU B 300 21.85 22.43 -6.94
C LEU B 300 23.06 22.94 -7.74
N VAL B 301 23.44 24.16 -7.42
CA VAL B 301 24.70 24.76 -7.83
C VAL B 301 25.28 25.43 -6.59
N GLN B 302 26.57 25.76 -6.64
CA GLN B 302 27.23 26.47 -5.55
C GLN B 302 26.43 27.72 -5.22
N GLY B 303 26.18 27.95 -3.93
CA GLY B 303 25.32 29.02 -3.45
C GLY B 303 23.84 28.70 -3.31
N SER B 304 23.37 27.55 -3.83
CA SER B 304 21.97 27.10 -3.65
C SER B 304 21.70 26.94 -2.17
N ARG B 305 20.47 27.27 -1.76
CA ARG B 305 20.06 27.20 -0.36
C ARG B 305 19.10 26.01 -0.17
N LEU B 306 19.30 25.25 0.90
CA LEU B 306 18.38 24.18 1.29
C LEU B 306 17.45 24.77 2.34
N ASN B 307 16.26 24.19 2.53
CA ASN B 307 15.31 24.71 3.51
C ASN B 307 14.62 23.60 4.33
N MET C 3 -42.35 -7.11 7.87
CA MET C 3 -41.55 -8.31 7.46
C MET C 3 -40.11 -8.15 7.98
N LYS C 4 -39.53 -9.26 8.45
CA LYS C 4 -38.19 -9.28 9.08
C LYS C 4 -37.16 -9.95 8.16
N THR C 5 -36.09 -9.22 7.85
CA THR C 5 -35.12 -9.65 6.86
C THR C 5 -33.67 -9.75 7.39
N VAL C 6 -32.96 -10.79 6.99
CA VAL C 6 -31.50 -10.83 7.12
C VAL C 6 -30.92 -10.65 5.70
N VAL C 7 -29.92 -9.77 5.59
CA VAL C 7 -29.43 -9.28 4.27
C VAL C 7 -27.94 -9.56 4.07
N PHE C 8 -27.59 -10.01 2.88
CA PHE C 8 -26.21 -10.29 2.53
C PHE C 8 -25.85 -9.29 1.45
N ALA C 9 -24.93 -8.36 1.73
CA ALA C 9 -24.77 -7.22 0.83
C ALA C 9 -23.39 -6.57 0.79
N TYR C 10 -23.05 -6.04 -0.38
CA TYR C 10 -21.80 -5.32 -0.56
C TYR C 10 -21.89 -4.40 -1.76
N HIS C 11 -21.00 -3.39 -1.80
CA HIS C 11 -20.84 -2.53 -2.97
C HIS C 11 -22.03 -1.53 -3.09
N ASP C 12 -22.05 -0.72 -4.14
CA ASP C 12 -23.19 0.20 -4.43
C ASP C 12 -24.54 -0.49 -4.56
N MET C 13 -24.57 -1.67 -5.22
CA MET C 13 -25.81 -2.47 -5.26
C MET C 13 -26.23 -2.83 -3.85
N GLY C 14 -25.26 -3.15 -3.01
CA GLY C 14 -25.54 -3.46 -1.64
C GLY C 14 -26.26 -2.35 -0.93
N CYS C 15 -25.67 -1.15 -0.97
CA CYS C 15 -26.20 0.00 -0.20
C CYS C 15 -27.63 0.33 -0.63
N LEU C 16 -27.82 0.50 -1.94
CA LEU C 16 -29.08 0.84 -2.54
C LEU C 16 -30.12 -0.27 -2.27
N GLY C 17 -29.62 -1.51 -2.15
CA GLY C 17 -30.42 -2.63 -1.66
C GLY C 17 -31.09 -2.37 -0.32
N ILE C 18 -30.27 -2.05 0.66
CA ILE C 18 -30.68 -1.81 2.04
C ILE C 18 -31.55 -0.58 2.16
N GLU C 19 -31.23 0.47 1.40
CA GLU C 19 -32.05 1.67 1.33
C GLU C 19 -33.46 1.35 0.82
N ALA C 20 -33.52 0.56 -0.25
CA ALA C 20 -34.80 0.18 -0.81
C ALA C 20 -35.66 -0.57 0.24
N LEU C 21 -35.01 -1.54 0.92
CA LEU C 21 -35.67 -2.37 1.96
C LEU C 21 -36.24 -1.53 3.07
N LEU C 22 -35.42 -0.63 3.57
CA LEU C 22 -35.83 0.23 4.66
C LEU C 22 -36.97 1.13 4.24
N ALA C 23 -36.82 1.81 3.11
CA ALA C 23 -37.91 2.61 2.51
C ALA C 23 -39.23 1.85 2.31
N ALA C 24 -39.16 0.58 2.01
CA ALA C 24 -40.36 -0.22 1.79
C ALA C 24 -40.97 -0.77 3.09
N GLY C 25 -40.35 -0.54 4.26
CA GLY C 25 -40.92 -0.94 5.55
C GLY C 25 -40.30 -2.13 6.25
N TYR C 26 -39.45 -2.88 5.54
CA TYR C 26 -38.80 -4.09 6.08
C TYR C 26 -38.01 -3.82 7.35
N GLU C 27 -37.95 -4.79 8.26
CA GLU C 27 -37.15 -4.72 9.52
C GLU C 27 -35.90 -5.56 9.27
N ILE C 28 -34.72 -4.92 9.28
CA ILE C 28 -33.44 -5.58 8.96
C ILE C 28 -32.74 -5.90 10.26
N SER C 29 -32.55 -7.19 10.54
CA SER C 29 -32.10 -7.66 11.87
C SER C 29 -30.59 -7.84 11.97
N ALA C 30 -29.95 -8.04 10.82
CA ALA C 30 -28.53 -8.22 10.72
C ALA C 30 -28.13 -8.02 9.25
N ILE C 31 -26.91 -7.52 9.04
CA ILE C 31 -26.33 -7.36 7.71
C ILE C 31 -24.99 -8.10 7.63
N PHE C 32 -24.84 -8.92 6.60
CA PHE C 32 -23.61 -9.63 6.29
C PHE C 32 -22.92 -9.06 5.05
N THR C 33 -21.71 -8.53 5.26
CA THR C 33 -20.94 -7.85 4.21
C THR C 33 -19.53 -8.41 4.17
N HIS C 34 -18.64 -7.77 3.41
CA HIS C 34 -17.23 -8.09 3.45
C HIS C 34 -16.38 -6.90 3.82
N THR C 35 -15.12 -7.20 4.09
CA THR C 35 -14.10 -6.19 4.21
C THR C 35 -13.65 -5.81 2.81
N ASP C 36 -13.07 -4.61 2.70
CA ASP C 36 -12.44 -4.12 1.47
C ASP C 36 -11.05 -4.74 1.34
N ASN C 37 -10.62 -5.00 0.12
CA ASN C 37 -9.34 -5.66 -0.15
C ASN C 37 -8.40 -4.64 -0.74
N PRO C 38 -7.09 -4.80 -0.52
CA PRO C 38 -6.20 -3.75 -1.02
C PRO C 38 -6.09 -3.65 -2.56
N GLY C 39 -6.37 -4.72 -3.31
CA GLY C 39 -6.28 -4.63 -4.78
C GLY C 39 -7.38 -3.87 -5.54
N GLU C 40 -8.44 -3.48 -4.82
CA GLU C 40 -9.68 -3.04 -5.40
C GLU C 40 -9.97 -1.61 -4.94
N LYS C 41 -10.26 -0.72 -5.87
CA LYS C 41 -10.56 0.67 -5.54
C LYS C 41 -11.91 0.73 -4.86
N ALA C 42 -11.94 1.08 -3.57
CA ALA C 42 -13.17 1.14 -2.79
C ALA C 42 -13.95 2.45 -2.92
N PHE C 43 -14.25 2.87 -4.17
CA PHE C 43 -15.07 4.06 -4.53
C PHE C 43 -16.59 3.99 -4.19
N TYR C 44 -17.16 2.78 -4.25
CA TYR C 44 -18.54 2.48 -3.88
C TYR C 44 -18.84 2.74 -2.40
N GLY C 45 -20.11 2.95 -2.08
CA GLY C 45 -20.54 3.14 -0.70
C GLY C 45 -20.25 1.91 0.14
N SER C 46 -20.02 2.14 1.41
CA SER C 46 -19.82 1.06 2.36
C SER C 46 -21.16 0.56 2.98
N VAL C 47 -21.45 -0.71 2.77
CA VAL C 47 -22.60 -1.35 3.36
C VAL C 47 -22.49 -1.20 4.90
N ALA C 48 -21.30 -1.48 5.44
CA ALA C 48 -21.00 -1.39 6.88
C ALA C 48 -21.35 -0.03 7.52
N ARG C 49 -21.05 1.08 6.86
CA ARG C 49 -21.38 2.39 7.41
C ARG C 49 -22.83 2.68 7.38
N LEU C 50 -23.48 2.20 6.32
CA LEU C 50 -24.93 2.35 6.18
C LEU C 50 -25.59 1.60 7.31
N ALA C 51 -25.26 0.30 7.43
CA ALA C 51 -25.72 -0.52 8.53
C ALA C 51 -25.48 0.20 9.86
N ALA C 52 -24.23 0.60 10.08
CA ALA C 52 -23.86 1.38 11.26
C ALA C 52 -24.75 2.60 11.51
N GLU C 53 -24.93 3.48 10.51
CA GLU C 53 -25.82 4.67 10.62
C GLU C 53 -27.31 4.33 10.94
N ARG C 54 -27.83 3.24 10.36
CA ARG C 54 -29.23 2.85 10.54
CA ARG C 54 -29.23 2.80 10.52
C ARG C 54 -29.38 1.90 11.74
N GLY C 55 -28.34 1.81 12.58
CA GLY C 55 -28.35 1.01 13.79
C GLY C 55 -28.65 -0.47 13.54
N ILE C 56 -27.99 -1.08 12.54
CA ILE C 56 -28.18 -2.52 12.24
C ILE C 56 -26.93 -3.35 12.58
N PRO C 57 -27.10 -4.48 13.28
CA PRO C 57 -25.90 -5.24 13.57
C PRO C 57 -25.24 -5.65 12.26
N VAL C 58 -23.94 -5.40 12.15
CA VAL C 58 -23.21 -5.68 10.93
C VAL C 58 -22.03 -6.59 11.22
N TYR C 59 -21.81 -7.55 10.33
CA TYR C 59 -20.73 -8.54 10.47
C TYR C 59 -20.12 -8.82 9.12
N ALA C 60 -18.85 -9.25 9.09
CA ALA C 60 -18.13 -9.48 7.83
C ALA C 60 -17.25 -10.71 7.78
N PRO C 61 -17.76 -11.85 8.30
CA PRO C 61 -17.00 -13.09 8.33
C PRO C 61 -16.67 -13.57 6.95
N ASP C 62 -15.54 -14.25 6.83
CA ASP C 62 -15.09 -14.81 5.55
C ASP C 62 -16.00 -15.97 5.08
N ASN C 63 -16.41 -16.80 6.05
CA ASN C 63 -17.35 -17.90 5.81
C ASN C 63 -18.63 -17.84 6.66
N VAL C 64 -19.65 -17.19 6.09
CA VAL C 64 -20.93 -17.04 6.76
C VAL C 64 -21.55 -18.44 6.94
N ASN C 65 -21.21 -19.35 6.03
CA ASN C 65 -21.69 -20.72 6.11
C ASN C 65 -21.25 -21.59 7.27
N HIS C 66 -20.27 -21.17 8.07
CA HIS C 66 -19.83 -21.92 9.27
C HIS C 66 -21.03 -22.15 10.24
N PRO C 67 -21.14 -23.36 10.87
CA PRO C 67 -22.33 -23.72 11.69
C PRO C 67 -22.72 -22.71 12.81
N LEU C 68 -21.73 -22.03 13.39
CA LEU C 68 -21.99 -20.96 14.35
C LEU C 68 -22.76 -19.79 13.72
N TRP C 69 -22.40 -19.41 12.49
CA TRP C 69 -23.15 -18.36 11.80
C TRP C 69 -24.54 -18.82 11.38
N VAL C 70 -24.67 -20.08 10.98
CA VAL C 70 -25.95 -20.61 10.51
C VAL C 70 -26.97 -20.52 11.64
N GLU C 71 -26.56 -20.88 12.85
CA GLU C 71 -27.40 -20.83 14.06
C GLU C 71 -27.78 -19.41 14.47
N ARG C 72 -26.85 -18.46 14.33
CA ARG C 72 -27.15 -17.07 14.71
C ARG C 72 -28.20 -16.47 13.78
N ILE C 73 -28.09 -16.77 12.50
CA ILE C 73 -29.12 -16.36 11.55
C ILE C 73 -30.44 -17.11 11.86
N ALA C 74 -30.34 -18.42 12.09
CA ALA C 74 -31.50 -19.24 12.47
C ALA C 74 -32.30 -18.66 13.69
N GLN C 75 -31.57 -18.15 14.68
CA GLN C 75 -32.19 -17.46 15.81
C GLN C 75 -32.81 -16.11 15.48
N LEU C 76 -32.26 -15.40 14.51
CA LEU C 76 -32.85 -14.11 14.12
C LEU C 76 -34.23 -14.29 13.46
N SER C 77 -34.47 -15.49 12.92
CA SER C 77 -35.79 -15.91 12.42
C SER C 77 -36.26 -14.92 11.37
N PRO C 78 -35.51 -14.82 10.26
CA PRO C 78 -35.99 -13.97 9.22
C PRO C 78 -37.17 -14.63 8.51
N ASP C 79 -38.07 -13.78 8.00
CA ASP C 79 -39.08 -14.18 7.02
C ASP C 79 -38.42 -14.39 5.69
N VAL C 80 -37.51 -13.46 5.36
CA VAL C 80 -37.05 -13.28 4.00
C VAL C 80 -35.57 -12.85 4.01
N ILE C 81 -34.83 -13.35 3.01
CA ILE C 81 -33.40 -13.11 2.89
C ILE C 81 -33.16 -12.49 1.54
N PHE C 82 -32.34 -11.46 1.51
CA PHE C 82 -32.02 -10.76 0.30
C PHE C 82 -30.50 -10.77 0.20
N SER C 83 -29.98 -10.87 -1.01
CA SER C 83 -28.57 -10.80 -1.29
C SER C 83 -28.44 -9.70 -2.27
N PHE C 84 -27.68 -8.69 -1.91
CA PHE C 84 -27.49 -7.56 -2.79
C PHE C 84 -26.01 -7.52 -3.04
N TYR C 85 -25.58 -8.26 -4.06
CA TYR C 85 -24.18 -8.29 -4.48
C TYR C 85 -23.19 -8.85 -3.44
N TYR C 86 -23.63 -9.84 -2.65
CA TYR C 86 -22.72 -10.62 -1.80
C TYR C 86 -21.78 -11.46 -2.71
N ARG C 87 -20.68 -11.99 -2.15
CA ARG C 87 -19.54 -12.50 -2.95
C ARG C 87 -19.10 -13.92 -2.58
N HIS C 88 -20.02 -14.61 -1.92
CA HIS C 88 -19.82 -15.94 -1.43
C HIS C 88 -21.16 -16.64 -1.57
N LEU C 89 -21.17 -17.80 -2.20
CA LEU C 89 -22.35 -18.66 -2.22
C LEU C 89 -22.75 -19.02 -0.80
N ILE C 90 -24.05 -19.00 -0.57
CA ILE C 90 -24.66 -19.10 0.75
C ILE C 90 -25.31 -20.47 0.78
N TYR C 91 -25.20 -21.14 1.93
CA TYR C 91 -25.42 -22.56 2.02
C TYR C 91 -26.90 -22.84 1.93
N ASP C 92 -27.23 -23.85 1.12
CA ASP C 92 -28.43 -24.72 1.24
C ASP C 92 -29.28 -24.37 2.50
N GLU C 93 -28.64 -24.62 3.64
CA GLU C 93 -29.19 -24.47 4.97
C GLU C 93 -29.73 -23.09 5.34
N ILE C 94 -29.01 -22.03 4.94
CA ILE C 94 -29.35 -20.63 5.34
C ILE C 94 -30.59 -20.14 4.57
N LEU C 95 -30.58 -20.37 3.27
CA LEU C 95 -31.74 -20.15 2.39
C LEU C 95 -33.04 -20.76 2.92
N GLN C 96 -32.97 -21.98 3.48
CA GLN C 96 -34.18 -22.68 3.95
CA GLN C 96 -34.16 -22.68 3.98
C GLN C 96 -34.68 -22.17 5.32
N LEU C 97 -33.92 -21.29 5.98
CA LEU C 97 -34.41 -20.64 7.22
C LEU C 97 -35.54 -19.59 6.95
N ALA C 98 -35.62 -19.03 5.75
CA ALA C 98 -36.58 -17.94 5.45
C ALA C 98 -37.87 -18.42 4.80
N PRO C 99 -38.97 -18.56 5.57
CA PRO C 99 -40.20 -19.12 4.96
C PRO C 99 -40.76 -18.29 3.79
N ALA C 100 -40.64 -16.95 3.87
CA ALA C 100 -41.05 -16.07 2.76
C ALA C 100 -40.12 -16.10 1.55
N GLY C 101 -38.95 -16.71 1.68
CA GLY C 101 -38.04 -16.95 0.56
C GLY C 101 -36.71 -16.23 0.77
N ALA C 102 -35.80 -16.49 -0.16
CA ALA C 102 -34.55 -15.74 -0.27
C ALA C 102 -34.51 -15.23 -1.69
N PHE C 103 -33.99 -14.03 -1.88
CA PHE C 103 -33.85 -13.40 -3.20
C PHE C 103 -32.46 -12.79 -3.37
N ASN C 104 -32.11 -12.58 -4.65
CA ASN C 104 -30.87 -11.99 -5.04
C ASN C 104 -31.08 -11.00 -6.19
N LEU C 105 -30.43 -9.86 -6.06
CA LEU C 105 -30.36 -8.86 -7.09
C LEU C 105 -29.03 -9.09 -7.82
N HIS C 106 -29.05 -9.01 -9.14
CA HIS C 106 -27.89 -9.35 -9.93
C HIS C 106 -27.92 -8.50 -11.20
N GLY C 107 -26.78 -7.95 -11.60
CA GLY C 107 -26.72 -7.01 -12.73
C GLY C 107 -26.49 -7.58 -14.13
N SER C 108 -27.41 -8.42 -14.60
CA SER C 108 -27.41 -8.93 -15.99
C SER C 108 -28.81 -9.31 -16.47
N LEU C 109 -28.97 -9.55 -17.77
CA LEU C 109 -30.17 -10.25 -18.30
C LEU C 109 -30.13 -11.78 -18.09
N LEU C 110 -30.27 -12.20 -16.84
CA LEU C 110 -30.30 -13.62 -16.53
C LEU C 110 -31.37 -14.29 -17.40
N PRO C 111 -31.14 -15.51 -17.87
CA PRO C 111 -30.02 -16.35 -17.46
C PRO C 111 -28.68 -16.09 -18.19
N LYS C 112 -28.62 -15.12 -19.12
CA LYS C 112 -27.32 -14.64 -19.66
C LYS C 112 -26.52 -14.01 -18.53
N TYR C 113 -25.21 -14.19 -18.60
CA TYR C 113 -24.27 -13.57 -17.69
C TYR C 113 -24.56 -13.88 -16.22
N ARG C 114 -24.73 -15.16 -15.93
CA ARG C 114 -24.61 -15.63 -14.55
C ARG C 114 -23.17 -15.49 -14.07
N GLY C 115 -23.00 -15.63 -12.75
CA GLY C 115 -21.67 -15.74 -12.17
C GLY C 115 -21.13 -14.41 -11.65
N ARG C 116 -19.88 -14.11 -11.98
CA ARG C 116 -19.19 -13.01 -11.35
C ARG C 116 -18.97 -11.89 -12.35
N ALA C 117 -19.07 -10.66 -11.84
CA ALA C 117 -18.72 -9.46 -12.61
C ALA C 117 -19.37 -9.35 -14.00
N PRO C 118 -20.70 -9.42 -14.07
CA PRO C 118 -21.43 -9.15 -15.31
C PRO C 118 -21.35 -7.71 -15.83
N LEU C 119 -21.11 -6.73 -14.96
CA LEU C 119 -20.91 -5.37 -15.44
C LEU C 119 -19.74 -5.36 -16.42
N ASN C 120 -18.64 -5.96 -15.99
CA ASN C 120 -17.39 -5.92 -16.74
C ASN C 120 -17.41 -6.87 -17.95
N TRP C 121 -17.83 -8.12 -17.70
CA TRP C 121 -18.03 -9.10 -18.78
C TRP C 121 -18.91 -8.68 -20.00
N VAL C 122 -20.08 -8.10 -19.77
CA VAL C 122 -20.92 -7.72 -20.90
C VAL C 122 -20.15 -6.73 -21.77
N LEU C 123 -19.28 -5.93 -21.16
CA LEU C 123 -18.41 -5.00 -21.88
C LEU C 123 -17.25 -5.70 -22.59
N VAL C 124 -16.70 -6.74 -21.96
CA VAL C 124 -15.57 -7.50 -22.54
C VAL C 124 -15.97 -8.15 -23.86
N ASN C 125 -17.20 -8.67 -23.91
CA ASN C 125 -17.75 -9.36 -25.10
C ASN C 125 -18.69 -8.50 -25.93
N GLY C 126 -18.52 -7.18 -25.87
CA GLY C 126 -19.15 -6.30 -26.83
C GLY C 126 -20.66 -6.31 -26.87
N GLU C 127 -21.29 -6.66 -25.77
CA GLU C 127 -22.75 -6.62 -25.69
C GLU C 127 -23.28 -5.21 -25.91
N THR C 128 -24.46 -5.12 -26.54
CA THR C 128 -25.17 -3.83 -26.69
C THR C 128 -26.37 -3.65 -25.76
N GLU C 129 -26.69 -4.67 -24.97
CA GLU C 129 -27.69 -4.56 -23.91
C GLU C 129 -27.27 -5.39 -22.69
N THR C 130 -27.78 -4.99 -21.53
CA THR C 130 -27.65 -5.80 -20.31
C THR C 130 -28.84 -5.45 -19.42
N GLY C 131 -28.72 -5.67 -18.11
CA GLY C 131 -29.85 -5.36 -17.25
C GLY C 131 -29.71 -5.80 -15.81
N VAL C 132 -30.84 -5.78 -15.10
CA VAL C 132 -30.91 -6.14 -13.71
C VAL C 132 -32.06 -7.09 -13.49
N THR C 133 -31.78 -8.10 -12.69
CA THR C 133 -32.68 -9.17 -12.48
C THR C 133 -32.73 -9.40 -10.98
N LEU C 134 -33.94 -9.60 -10.50
CA LEU C 134 -34.20 -10.07 -9.19
C LEU C 134 -34.82 -11.43 -9.39
N HIS C 135 -34.39 -12.38 -8.57
CA HIS C 135 -34.65 -13.80 -8.80
C HIS C 135 -34.53 -14.51 -7.51
N ARG C 136 -35.19 -15.68 -7.42
CA ARG C 136 -35.15 -16.56 -6.24
C ARG C 136 -33.73 -17.06 -6.08
N MET C 137 -33.24 -17.11 -4.84
CA MET C 137 -31.86 -17.52 -4.58
C MET C 137 -31.90 -18.97 -4.17
N VAL C 138 -31.12 -19.82 -4.84
CA VAL C 138 -31.13 -21.27 -4.57
C VAL C 138 -29.72 -21.84 -4.46
N LYS C 139 -29.61 -23.10 -4.00
CA LYS C 139 -28.32 -23.79 -3.83
C LYS C 139 -27.35 -23.51 -4.98
N ARG C 140 -27.86 -23.50 -6.20
CA ARG C 140 -27.09 -23.26 -7.42
C ARG C 140 -26.94 -21.76 -7.72
N ALA C 141 -25.78 -21.33 -8.20
CA ALA C 141 -25.52 -19.90 -8.36
C ALA C 141 -26.42 -19.27 -9.41
N ASP C 142 -27.03 -18.14 -9.04
CA ASP C 142 -27.76 -17.29 -9.95
C ASP C 142 -28.86 -18.03 -10.79
N ALA C 143 -29.42 -19.11 -10.23
CA ALA C 143 -30.18 -20.09 -11.01
C ALA C 143 -31.70 -20.07 -10.82
N GLY C 144 -32.18 -19.58 -9.67
CA GLY C 144 -33.57 -19.68 -9.30
C GLY C 144 -34.46 -18.75 -10.09
N ALA C 145 -35.78 -18.88 -9.89
CA ALA C 145 -36.76 -18.21 -10.74
C ALA C 145 -36.80 -16.68 -10.66
N ILE C 146 -37.00 -16.05 -11.82
CA ILE C 146 -37.01 -14.60 -11.98
C ILE C 146 -38.32 -13.97 -11.56
N VAL C 147 -38.20 -12.92 -10.77
CA VAL C 147 -39.34 -12.16 -10.18
C VAL C 147 -39.51 -10.79 -10.83
N ALA C 148 -38.43 -10.28 -11.42
CA ALA C 148 -38.50 -9.01 -12.11
C ALA C 148 -37.15 -8.79 -12.76
N GLN C 149 -37.14 -8.00 -13.82
CA GLN C 149 -35.96 -7.78 -14.63
C GLN C 149 -36.17 -6.53 -15.44
N LEU C 150 -35.14 -5.70 -15.55
CA LEU C 150 -35.21 -4.57 -16.44
C LEU C 150 -34.01 -4.58 -17.35
N ARG C 151 -34.23 -3.98 -18.50
CA ARG C 151 -33.32 -3.99 -19.60
C ARG C 151 -32.79 -2.59 -19.61
N ILE C 152 -31.52 -2.42 -19.95
CA ILE C 152 -31.01 -1.11 -20.36
C ILE C 152 -30.11 -1.32 -21.58
N ALA C 153 -29.87 -0.26 -22.33
CA ALA C 153 -28.97 -0.29 -23.48
C ALA C 153 -27.56 0.12 -23.09
N ILE C 154 -26.59 -0.47 -23.77
CA ILE C 154 -25.19 -0.13 -23.64
C ILE C 154 -24.79 0.77 -24.81
N ALA C 155 -24.55 2.06 -24.54
CA ALA C 155 -24.07 3.00 -25.54
C ALA C 155 -22.63 2.63 -25.90
N PRO C 156 -22.21 2.84 -27.18
CA PRO C 156 -20.87 2.32 -27.51
C PRO C 156 -19.72 3.03 -26.75
N ASP C 157 -19.96 4.24 -26.24
CA ASP C 157 -18.99 4.93 -25.37
C ASP C 157 -19.12 4.69 -23.84
N ASP C 158 -20.03 3.80 -23.43
CA ASP C 158 -20.10 3.34 -22.03
C ASP C 158 -18.83 2.59 -21.62
N ILE C 159 -18.47 2.76 -20.37
CA ILE C 159 -17.35 2.06 -19.74
C ILE C 159 -17.86 1.46 -18.41
N ALA C 160 -16.98 0.92 -17.57
CA ALA C 160 -17.49 0.22 -16.39
C ALA C 160 -18.30 1.14 -15.45
N ILE C 161 -17.78 2.36 -15.16
CA ILE C 161 -18.43 3.27 -14.22
C ILE C 161 -19.73 3.92 -14.71
N THR C 162 -19.84 4.19 -16.01
CA THR C 162 -21.07 4.76 -16.52
C THR C 162 -22.16 3.70 -16.52
N LEU C 163 -21.77 2.45 -16.79
CA LEU C 163 -22.71 1.35 -16.98
C LEU C 163 -23.09 0.87 -15.60
N HIS C 164 -22.11 0.90 -14.70
CA HIS C 164 -22.37 0.76 -13.28
C HIS C 164 -23.52 1.67 -12.80
N HIS C 165 -23.43 2.96 -13.13
CA HIS C 165 -24.45 3.93 -12.72
C HIS C 165 -25.78 3.68 -13.38
N LYS C 166 -25.75 3.15 -14.58
CA LYS C 166 -27.00 2.83 -15.26
CA LYS C 166 -27.00 2.85 -15.25
C LYS C 166 -27.60 1.61 -14.60
N LEU C 167 -26.80 0.59 -14.41
CA LEU C 167 -27.25 -0.60 -13.69
C LEU C 167 -27.85 -0.28 -12.32
N CYS C 168 -27.10 0.50 -11.53
CA CYS C 168 -27.53 0.91 -10.21
C CYS C 168 -28.90 1.63 -10.21
N HIS C 169 -29.05 2.63 -11.08
CA HIS C 169 -30.32 3.35 -11.23
C HIS C 169 -31.49 2.36 -11.53
N ALA C 170 -31.37 1.59 -12.62
CA ALA C 170 -32.38 0.56 -12.92
C ALA C 170 -32.69 -0.36 -11.73
N ALA C 171 -31.66 -0.72 -10.98
CA ALA C 171 -31.84 -1.64 -9.87
C ALA C 171 -32.75 -1.04 -8.78
N ARG C 172 -32.57 0.26 -8.51
CA ARG C 172 -33.44 1.02 -7.60
C ARG C 172 -34.86 1.05 -8.16
N GLN C 173 -34.98 1.30 -9.46
CA GLN C 173 -36.29 1.26 -10.09
C GLN C 173 -36.95 -0.08 -9.83
N LEU C 174 -36.23 -1.15 -10.15
CA LEU C 174 -36.75 -2.50 -10.04
C LEU C 174 -37.30 -2.77 -8.63
N LEU C 175 -36.46 -2.45 -7.66
CA LEU C 175 -36.79 -2.67 -6.27
C LEU C 175 -37.99 -1.84 -5.84
N GLU C 176 -38.07 -0.58 -6.29
CA GLU C 176 -39.26 0.22 -6.06
C GLU C 176 -40.50 -0.44 -6.71
N GLN C 177 -40.31 -0.95 -7.91
CA GLN C 177 -41.35 -1.66 -8.62
C GLN C 177 -41.69 -3.08 -8.16
N THR C 178 -40.93 -3.67 -7.24
CA THR C 178 -41.06 -5.10 -6.89
C THR C 178 -41.27 -5.36 -5.39
N LEU C 179 -40.49 -4.68 -4.55
CA LEU C 179 -40.52 -4.94 -3.12
C LEU C 179 -41.91 -4.91 -2.45
N PRO C 180 -42.80 -3.99 -2.86
CA PRO C 180 -44.11 -4.00 -2.19
C PRO C 180 -44.90 -5.31 -2.41
N ALA C 181 -44.82 -5.82 -3.65
CA ALA C 181 -45.43 -7.10 -4.00
C ALA C 181 -44.80 -8.27 -3.27
N ILE C 182 -43.49 -8.21 -3.05
CA ILE C 182 -42.88 -9.24 -2.19
C ILE C 182 -43.45 -9.17 -0.78
N LYS C 183 -43.69 -7.95 -0.30
CA LYS C 183 -44.24 -7.72 1.02
C LYS C 183 -45.67 -8.21 1.06
N HIS C 184 -46.43 -7.95 0.00
CA HIS C 184 -47.85 -8.26 -0.02
C HIS C 184 -48.21 -9.73 -0.30
N GLY C 185 -47.23 -10.61 -0.47
CA GLY C 185 -47.48 -12.00 -0.85
C GLY C 185 -48.08 -12.19 -2.25
N ASN C 186 -47.94 -11.20 -3.11
CA ASN C 186 -48.40 -11.29 -4.48
C ASN C 186 -47.18 -11.43 -5.38
N ILE C 187 -46.47 -12.55 -5.23
CA ILE C 187 -45.19 -12.81 -5.92
C ILE C 187 -45.39 -13.61 -7.20
N LEU C 188 -44.95 -13.06 -8.32
CA LEU C 188 -45.01 -13.72 -9.60
C LEU C 188 -43.58 -14.13 -9.99
N GLU C 189 -43.36 -15.41 -10.27
CA GLU C 189 -42.04 -15.92 -10.63
C GLU C 189 -42.01 -16.75 -11.91
N ILE C 190 -40.94 -16.61 -12.69
CA ILE C 190 -40.74 -17.37 -13.93
C ILE C 190 -39.41 -18.13 -13.84
N ALA C 191 -39.45 -19.46 -13.82
CA ALA C 191 -38.22 -20.27 -13.72
C ALA C 191 -37.24 -19.96 -14.87
N GLN C 192 -35.95 -20.18 -14.63
CA GLN C 192 -34.92 -19.92 -15.65
C GLN C 192 -34.72 -21.12 -16.60
N ARG C 193 -34.54 -20.81 -17.89
CA ARG C 193 -34.40 -21.81 -18.96
C ARG C 193 -32.92 -22.24 -19.08
N GLU C 194 -32.54 -23.23 -18.28
CA GLU C 194 -31.11 -23.58 -18.04
C GLU C 194 -30.30 -23.86 -19.31
N ASN C 195 -30.93 -24.46 -20.32
CA ASN C 195 -30.28 -24.70 -21.62
C ASN C 195 -29.69 -23.42 -22.23
N GLU C 196 -30.37 -22.28 -22.10
CA GLU C 196 -29.83 -21.03 -22.63
C GLU C 196 -29.23 -20.07 -21.54
N ALA C 197 -28.59 -20.64 -20.53
CA ALA C 197 -27.71 -19.92 -19.59
C ALA C 197 -26.25 -19.89 -20.09
N THR C 198 -25.75 -18.70 -20.42
CA THR C 198 -24.29 -18.46 -20.50
C THR C 198 -23.77 -18.16 -19.07
N CYS C 199 -22.49 -18.47 -18.82
CA CYS C 199 -21.90 -18.36 -17.48
C CYS C 199 -20.42 -17.93 -17.49
N PHE C 200 -20.06 -16.92 -16.67
CA PHE C 200 -18.70 -16.35 -16.63
C PHE C 200 -18.10 -16.30 -15.22
N GLY C 201 -16.80 -16.53 -15.12
CA GLY C 201 -16.09 -16.60 -13.82
C GLY C 201 -15.43 -15.33 -13.26
N ARG C 202 -14.75 -15.54 -12.14
CA ARG C 202 -13.98 -14.49 -11.49
C ARG C 202 -13.06 -13.80 -12.47
N ARG C 203 -13.09 -12.47 -12.49
CA ARG C 203 -12.03 -11.68 -13.14
C ARG C 203 -11.04 -11.14 -12.09
N THR C 204 -9.76 -11.14 -12.46
CA THR C 204 -8.67 -10.56 -11.67
C THR C 204 -8.06 -9.42 -12.45
N PRO C 205 -7.21 -8.59 -11.80
CA PRO C 205 -6.55 -7.53 -12.57
C PRO C 205 -5.69 -8.05 -13.74
N ASP C 206 -5.08 -9.21 -13.61
CA ASP C 206 -4.31 -9.84 -14.69
C ASP C 206 -5.15 -10.18 -15.93
N ASP C 207 -6.43 -10.46 -15.74
CA ASP C 207 -7.31 -10.87 -16.85
C ASP C 207 -7.60 -9.75 -17.90
N SER C 208 -7.06 -8.55 -17.69
CA SER C 208 -7.14 -7.42 -18.62
C SER C 208 -5.76 -7.05 -19.26
N PHE C 209 -4.79 -7.98 -19.20
CA PHE C 209 -3.55 -7.86 -19.97
C PHE C 209 -3.91 -7.69 -21.44
N LEU C 210 -3.39 -6.64 -22.08
CA LEU C 210 -3.72 -6.36 -23.48
C LEU C 210 -2.82 -7.19 -24.40
N GLU C 211 -3.43 -8.16 -25.09
CA GLU C 211 -2.77 -9.01 -26.07
C GLU C 211 -2.95 -8.39 -27.45
N TRP C 212 -1.89 -7.77 -27.96
CA TRP C 212 -1.96 -6.89 -29.15
C TRP C 212 -2.27 -7.61 -30.46
N HIS C 213 -1.98 -8.92 -30.49
CA HIS C 213 -2.34 -9.81 -31.63
C HIS C 213 -3.84 -9.91 -31.89
N LYS C 214 -4.68 -9.64 -30.89
CA LYS C 214 -6.14 -9.75 -31.01
C LYS C 214 -6.67 -8.55 -31.82
N PRO C 215 -7.98 -8.56 -32.17
CA PRO C 215 -8.53 -7.36 -32.83
C PRO C 215 -8.58 -6.12 -31.95
N ALA C 216 -8.14 -4.97 -32.46
CA ALA C 216 -8.18 -3.71 -31.75
C ALA C 216 -9.63 -3.31 -31.37
N SER C 217 -10.58 -3.81 -32.15
CA SER C 217 -12.00 -3.92 -31.75
C SER C 217 -12.22 -4.52 -30.36
N VAL C 218 -11.64 -5.70 -30.19
CA VAL C 218 -11.76 -6.52 -28.98
C VAL C 218 -10.92 -5.94 -27.84
N LEU C 219 -9.83 -5.25 -28.19
CA LEU C 219 -8.99 -4.57 -27.23
C LEU C 219 -9.69 -3.35 -26.66
N HIS C 220 -10.39 -2.62 -27.51
CA HIS C 220 -11.12 -1.44 -27.09
C HIS C 220 -12.16 -1.81 -26.08
N ASN C 221 -12.90 -2.87 -26.33
CA ASN C 221 -13.91 -3.38 -25.40
C ASN C 221 -13.31 -3.76 -24.06
N MET C 222 -12.08 -4.28 -24.09
CA MET C 222 -11.36 -4.65 -22.89
C MET C 222 -10.90 -3.40 -22.06
N VAL C 223 -10.53 -2.32 -22.75
CA VAL C 223 -10.14 -1.07 -22.08
C VAL C 223 -11.37 -0.57 -21.33
N ARG C 224 -12.49 -0.49 -22.05
CA ARG C 224 -13.78 -0.06 -21.53
C ARG C 224 -14.26 -0.91 -20.33
N ALA C 225 -14.06 -2.22 -20.42
CA ALA C 225 -14.45 -3.12 -19.33
C ALA C 225 -13.85 -2.79 -17.97
N VAL C 226 -12.61 -2.31 -17.94
CA VAL C 226 -11.91 -2.14 -16.63
C VAL C 226 -11.35 -0.75 -16.41
N ALA C 227 -11.98 0.20 -17.04
CA ALA C 227 -11.64 1.61 -16.88
C ALA C 227 -11.81 2.05 -15.46
N ASP C 228 -11.05 3.06 -15.07
CA ASP C 228 -11.14 3.60 -13.70
C ASP C 228 -12.61 3.81 -13.34
N PRO C 229 -13.10 3.38 -12.19
CA PRO C 229 -12.29 2.91 -11.05
C PRO C 229 -12.05 1.42 -10.99
N TRP C 230 -12.22 0.72 -12.13
CA TRP C 230 -11.74 -0.65 -12.26
C TRP C 230 -10.21 -0.71 -12.50
N PRO C 231 -9.59 -1.94 -12.51
CA PRO C 231 -8.10 -1.97 -12.42
C PRO C 231 -7.30 -1.51 -13.66
N GLY C 232 -7.88 -1.59 -14.84
CA GLY C 232 -7.27 -0.98 -16.00
C GLY C 232 -6.62 -1.96 -16.95
N ALA C 233 -6.83 -1.72 -18.23
CA ALA C 233 -6.21 -2.52 -19.26
C ALA C 233 -4.77 -2.07 -19.30
N PHE C 234 -3.83 -3.03 -19.34
CA PHE C 234 -2.42 -2.72 -19.18
C PHE C 234 -1.48 -3.49 -20.10
N SER C 235 -0.26 -2.95 -20.19
CA SER C 235 0.83 -3.57 -20.95
C SER C 235 2.19 -3.19 -20.31
N TYR C 236 3.32 -3.47 -20.99
CA TYR C 236 4.66 -3.35 -20.38
C TYR C 236 5.75 -2.79 -21.29
N VAL C 237 6.58 -1.88 -20.73
CA VAL C 237 7.88 -1.45 -21.29
C VAL C 237 9.01 -1.90 -20.33
N GLY C 238 9.68 -3.02 -20.65
CA GLY C 238 10.67 -3.63 -19.76
C GLY C 238 10.08 -4.04 -18.41
N ASN C 239 10.70 -3.57 -17.33
CA ASN C 239 10.13 -3.68 -15.95
C ASN C 239 8.91 -2.73 -15.69
N GLN C 240 8.59 -1.80 -16.59
CA GLN C 240 7.55 -0.79 -16.36
C GLN C 240 6.20 -1.14 -16.97
N LYS C 241 5.28 -1.50 -16.09
CA LYS C 241 3.87 -1.65 -16.41
C LYS C 241 3.20 -0.28 -16.54
N PHE C 242 2.37 -0.15 -17.57
CA PHE C 242 1.55 1.02 -17.75
C PHE C 242 0.09 0.64 -18.03
N THR C 243 -0.84 1.47 -17.56
CA THR C 243 -2.29 1.26 -17.79
C THR C 243 -2.85 2.17 -18.89
N VAL C 244 -3.69 1.60 -19.75
CA VAL C 244 -4.50 2.31 -20.75
C VAL C 244 -5.93 2.53 -20.26
N TRP C 245 -6.33 3.79 -20.18
CA TRP C 245 -7.57 4.18 -19.48
C TRP C 245 -8.72 4.52 -20.43
N SER C 246 -8.43 5.12 -21.57
CA SER C 246 -9.44 5.27 -22.63
C SER C 246 -8.83 5.04 -24.02
N SER C 247 -9.56 4.35 -24.89
CA SER C 247 -9.14 4.13 -26.27
C SER C 247 -10.17 4.46 -27.33
N ARG C 248 -9.66 4.52 -28.57
CA ARG C 248 -10.44 4.80 -29.78
C ARG C 248 -9.97 3.84 -30.87
N VAL C 249 -10.90 3.35 -31.69
CA VAL C 249 -10.58 2.42 -32.77
C VAL C 249 -10.18 3.19 -34.05
N HIS C 250 -9.09 2.74 -34.69
CA HIS C 250 -8.56 3.33 -35.94
C HIS C 250 -8.09 2.21 -36.93
N PRO C 251 -8.30 2.39 -38.25
CA PRO C 251 -7.58 1.51 -39.19
C PRO C 251 -6.16 2.01 -39.45
N GLY C 259 2.46 -5.43 -33.88
CA GLY C 259 1.91 -5.25 -32.53
C GLY C 259 2.62 -4.18 -31.68
N SER C 260 2.97 -3.05 -32.32
CA SER C 260 3.87 -2.03 -31.74
C SER C 260 3.62 -0.60 -32.31
N VAL C 261 4.41 0.37 -31.83
CA VAL C 261 4.07 1.80 -31.95
C VAL C 261 4.19 2.34 -33.37
N ILE C 262 3.04 2.65 -33.98
CA ILE C 262 2.95 3.42 -35.21
C ILE C 262 3.50 4.81 -34.94
N SER C 263 2.82 5.53 -34.05
CA SER C 263 3.12 6.95 -33.79
C SER C 263 2.96 7.25 -32.33
N VAL C 264 3.61 8.32 -31.91
CA VAL C 264 3.55 8.75 -30.52
C VAL C 264 2.45 9.78 -30.23
N ALA C 265 1.77 10.31 -31.26
CA ALA C 265 0.87 11.45 -31.07
C ALA C 265 -0.11 11.65 -32.25
N PRO C 266 -1.27 10.99 -32.26
CA PRO C 266 -1.76 10.11 -31.19
C PRO C 266 -0.95 8.83 -31.04
N LEU C 267 -0.75 8.40 -29.78
CA LEU C 267 -0.03 7.14 -29.46
C LEU C 267 -0.92 6.00 -29.85
N LEU C 268 -0.52 5.17 -30.81
CA LEU C 268 -1.44 4.12 -31.30
C LEU C 268 -0.86 2.78 -31.84
N ILE C 269 -0.75 1.79 -30.96
CA ILE C 269 -0.20 0.45 -31.22
C ILE C 269 -1.16 -0.26 -32.18
N ALA C 270 -0.75 -1.30 -32.93
CA ALA C 270 -1.64 -1.94 -33.96
C ALA C 270 -2.06 -3.39 -33.66
N LEU C 276 -4.79 0.36 -32.08
CA LEU C 276 -5.48 1.08 -31.00
C LEU C 276 -4.84 2.42 -30.61
N GLU C 277 -5.63 3.51 -30.66
CA GLU C 277 -5.28 4.79 -30.00
C GLU C 277 -5.35 4.70 -28.45
N ILE C 278 -4.23 4.93 -27.78
CA ILE C 278 -4.25 5.07 -26.33
C ILE C 278 -4.57 6.54 -26.09
N VAL C 279 -5.86 6.85 -25.89
CA VAL C 279 -6.28 8.26 -25.69
C VAL C 279 -5.71 8.81 -24.37
N THR C 280 -5.90 8.06 -23.26
CA THR C 280 -5.25 8.39 -21.97
C THR C 280 -4.68 7.17 -21.27
N GLY C 281 -3.69 7.40 -20.41
CA GLY C 281 -3.13 6.34 -19.57
C GLY C 281 -2.19 6.85 -18.50
N GLN C 282 -1.60 5.91 -17.76
CA GLN C 282 -0.57 6.17 -16.73
C GLN C 282 0.54 5.10 -16.72
N ALA C 283 1.72 5.52 -16.25
CA ALA C 283 2.93 4.68 -16.13
C ALA C 283 3.17 4.32 -14.66
N GLY C 284 3.16 3.02 -14.35
CA GLY C 284 3.25 2.56 -12.98
C GLY C 284 2.13 3.19 -12.20
N ASP C 285 2.50 3.74 -11.04
CA ASP C 285 1.62 4.46 -10.09
C ASP C 285 1.38 5.93 -10.46
N GLY C 286 2.08 6.46 -11.46
CA GLY C 286 2.04 7.90 -11.77
C GLY C 286 0.67 8.43 -12.17
N ILE C 287 0.58 9.74 -12.39
CA ILE C 287 -0.67 10.36 -12.85
C ILE C 287 -1.10 9.92 -14.27
N THR C 288 -2.41 9.84 -14.44
CA THR C 288 -3.08 9.71 -15.74
C THR C 288 -2.78 10.92 -16.65
N MET C 289 -2.54 10.64 -17.93
CA MET C 289 -2.19 11.73 -18.86
C MET C 289 -2.69 11.42 -20.25
N GLN C 290 -2.50 12.34 -21.20
CA GLN C 290 -2.85 12.07 -22.60
C GLN C 290 -1.84 11.09 -23.27
N GLY C 291 -2.26 10.53 -24.40
CA GLY C 291 -1.42 9.59 -25.20
C GLY C 291 -0.05 10.13 -25.63
N SER C 292 -0.02 11.34 -26.20
CA SER C 292 1.25 11.95 -26.65
C SER C 292 2.32 12.08 -25.57
N GLN C 293 1.85 12.29 -24.33
CA GLN C 293 2.68 12.50 -23.14
C GLN C 293 3.03 11.19 -22.42
N LEU C 294 2.07 10.26 -22.42
CA LEU C 294 2.37 8.91 -21.96
C LEU C 294 3.59 8.31 -22.71
N ALA C 295 3.60 8.44 -24.05
CA ALA C 295 4.70 7.91 -24.88
C ALA C 295 6.03 8.51 -24.45
N GLN C 296 6.12 9.84 -24.48
CA GLN C 296 7.33 10.52 -23.99
C GLN C 296 7.83 9.99 -22.65
N THR C 297 6.91 9.70 -21.73
CA THR C 297 7.25 9.25 -20.37
C THR C 297 7.95 7.90 -20.38
N LEU C 298 7.43 6.97 -21.20
CA LEU C 298 8.06 5.67 -21.40
C LEU C 298 9.22 5.78 -22.44
N GLY C 299 8.96 5.73 -23.77
CA GLY C 299 10.04 5.88 -24.78
C GLY C 299 9.72 5.43 -26.21
N MET D 3 39.51 -3.37 -18.88
CA MET D 3 38.37 -3.06 -19.82
C MET D 3 37.36 -2.07 -19.20
N LYS D 4 37.00 -1.07 -19.99
CA LYS D 4 35.94 -0.13 -19.66
C LYS D 4 34.62 -0.78 -20.03
N THR D 5 33.81 -1.03 -19.01
CA THR D 5 32.47 -1.66 -19.15
C THR D 5 31.27 -0.74 -18.76
N VAL D 6 30.19 -0.84 -19.53
CA VAL D 6 28.88 -0.28 -19.17
C VAL D 6 28.02 -1.48 -18.73
N VAL D 7 27.36 -1.38 -17.58
CA VAL D 7 26.66 -2.56 -17.00
C VAL D 7 25.15 -2.36 -16.93
N PHE D 8 24.40 -3.38 -17.38
CA PHE D 8 22.95 -3.43 -17.21
C PHE D 8 22.56 -4.46 -16.16
N ALA D 9 22.07 -4.02 -15.00
CA ALA D 9 21.86 -4.93 -13.83
C ALA D 9 20.77 -4.57 -12.80
N TYR D 10 20.23 -5.59 -12.15
CA TYR D 10 19.21 -5.48 -11.09
C TYR D 10 19.17 -6.78 -10.31
N HIS D 11 18.57 -6.77 -9.13
CA HIS D 11 18.37 -8.01 -8.31
C HIS D 11 19.66 -8.51 -7.64
N ASP D 12 19.61 -9.63 -6.95
CA ASP D 12 20.81 -10.21 -6.35
C ASP D 12 21.88 -10.57 -7.38
N MET D 13 21.49 -11.19 -8.51
CA MET D 13 22.47 -11.46 -9.57
C MET D 13 23.18 -10.19 -9.99
N GLY D 14 22.40 -9.12 -10.15
CA GLY D 14 22.93 -7.84 -10.53
C GLY D 14 24.03 -7.33 -9.61
N CYS D 15 23.79 -7.42 -8.30
CA CYS D 15 24.72 -6.94 -7.30
C CYS D 15 25.96 -7.81 -7.34
N LEU D 16 25.76 -9.12 -7.32
CA LEU D 16 26.89 -10.07 -7.35
C LEU D 16 27.74 -9.96 -8.66
N GLY D 17 27.12 -9.58 -9.77
CA GLY D 17 27.89 -9.36 -11.03
C GLY D 17 28.83 -8.18 -10.99
N ILE D 18 28.30 -7.06 -10.47
CA ILE D 18 29.05 -5.80 -10.30
C ILE D 18 30.18 -6.02 -9.32
N GLU D 19 29.92 -6.65 -8.16
CA GLU D 19 30.99 -7.03 -7.21
C GLU D 19 32.09 -7.82 -7.91
N ALA D 20 31.71 -8.78 -8.76
CA ALA D 20 32.65 -9.66 -9.42
C ALA D 20 33.46 -8.96 -10.51
N LEU D 21 32.82 -8.03 -11.23
CA LEU D 21 33.52 -7.24 -12.26
C LEU D 21 34.58 -6.31 -11.66
N LEU D 22 34.22 -5.67 -10.53
CA LEU D 22 35.15 -4.85 -9.75
C LEU D 22 36.32 -5.72 -9.21
N ALA D 23 36.00 -6.80 -8.50
CA ALA D 23 37.02 -7.72 -8.01
C ALA D 23 37.99 -8.27 -9.08
N ALA D 24 37.57 -8.33 -10.33
CA ALA D 24 38.41 -8.83 -11.39
C ALA D 24 39.11 -7.68 -12.16
N GLY D 25 39.05 -6.43 -11.68
CA GLY D 25 39.78 -5.32 -12.27
C GLY D 25 39.09 -4.46 -13.31
N TYR D 26 37.81 -4.65 -13.57
CA TYR D 26 37.11 -3.81 -14.53
C TYR D 26 36.78 -2.46 -13.91
N GLU D 27 36.69 -1.44 -14.77
CA GLU D 27 36.27 -0.08 -14.42
C GLU D 27 34.91 0.04 -15.02
N ILE D 28 33.90 0.27 -14.17
CA ILE D 28 32.53 0.36 -14.62
C ILE D 28 32.26 1.82 -14.86
N SER D 29 31.90 2.14 -16.11
CA SER D 29 31.69 3.53 -16.52
C SER D 29 30.37 4.08 -16.03
N ALA D 30 29.32 3.27 -16.25
CA ALA D 30 27.95 3.54 -15.82
C ALA D 30 27.14 2.22 -15.65
N ILE D 31 26.13 2.26 -14.75
CA ILE D 31 25.19 1.17 -14.50
C ILE D 31 23.77 1.62 -14.90
N PHE D 32 23.00 0.76 -15.54
CA PHE D 32 21.58 0.96 -15.76
C PHE D 32 20.82 -0.11 -15.00
N THR D 33 19.82 0.33 -14.22
CA THR D 33 18.98 -0.58 -13.43
C THR D 33 17.51 -0.22 -13.60
N HIS D 34 16.68 -0.80 -12.73
CA HIS D 34 15.30 -0.39 -12.60
C HIS D 34 14.94 0.15 -11.21
N THR D 35 13.91 0.98 -11.20
CA THR D 35 13.20 1.35 -9.98
C THR D 35 12.45 0.14 -9.48
N ASP D 36 12.23 0.09 -8.17
CA ASP D 36 11.49 -1.01 -7.53
C ASP D 36 9.99 -0.82 -7.71
N ASN D 37 9.26 -1.92 -7.88
CA ASN D 37 7.81 -1.88 -8.04
C ASN D 37 7.12 -2.24 -6.74
N PRO D 38 5.91 -1.68 -6.51
CA PRO D 38 5.02 -2.24 -5.47
C PRO D 38 4.51 -3.62 -5.90
N GLY D 39 4.23 -4.49 -4.93
CA GLY D 39 3.79 -5.86 -5.20
C GLY D 39 4.91 -6.85 -5.57
N GLU D 40 6.15 -6.35 -5.70
CA GLU D 40 7.33 -7.21 -5.72
C GLU D 40 8.10 -6.95 -4.40
N LYS D 41 8.25 -8.00 -3.59
CA LYS D 41 8.97 -7.87 -2.32
C LYS D 41 10.46 -7.68 -2.65
N ALA D 42 10.98 -6.53 -2.26
CA ALA D 42 12.33 -6.11 -2.64
C ALA D 42 13.33 -6.55 -1.59
N PHE D 43 13.40 -7.86 -1.36
CA PHE D 43 14.29 -8.49 -0.36
C PHE D 43 15.77 -8.57 -0.80
N TYR D 44 16.03 -8.23 -2.06
CA TYR D 44 17.29 -8.45 -2.74
C TYR D 44 18.14 -7.20 -2.69
N GLY D 45 19.45 -7.40 -2.89
CA GLY D 45 20.36 -6.28 -2.98
C GLY D 45 19.95 -5.24 -4.00
N SER D 46 20.07 -3.97 -3.61
CA SER D 46 19.84 -2.83 -4.50
C SER D 46 21.10 -2.57 -5.30
N VAL D 47 20.95 -2.58 -6.63
CA VAL D 47 22.04 -2.25 -7.53
C VAL D 47 22.36 -0.76 -7.41
N ALA D 48 21.35 0.08 -7.61
CA ALA D 48 21.48 1.55 -7.39
C ALA D 48 22.33 1.91 -6.17
N ARG D 49 22.08 1.25 -5.05
CA ARG D 49 22.84 1.53 -3.82
C ARG D 49 24.31 1.14 -3.92
N LEU D 50 24.54 -0.04 -4.51
CA LEU D 50 25.89 -0.50 -4.79
C LEU D 50 26.63 0.50 -5.65
N ALA D 51 25.98 0.90 -6.75
CA ALA D 51 26.51 1.86 -7.70
C ALA D 51 26.90 3.18 -7.04
N ALA D 52 26.10 3.60 -6.06
CA ALA D 52 26.29 4.85 -5.35
C ALA D 52 27.47 4.79 -4.37
N GLU D 53 27.60 3.66 -3.66
CA GLU D 53 28.71 3.42 -2.71
C GLU D 53 30.09 3.40 -3.34
N ARG D 54 30.16 2.95 -4.59
CA ARG D 54 31.43 2.86 -5.36
C ARG D 54 31.72 4.12 -6.18
N GLY D 55 30.73 5.00 -6.32
CA GLY D 55 30.87 6.25 -7.02
C GLY D 55 30.71 6.07 -8.51
N ILE D 56 29.76 5.20 -8.92
CA ILE D 56 29.48 4.95 -10.34
C ILE D 56 28.19 5.69 -10.69
N PRO D 57 28.19 6.41 -11.83
CA PRO D 57 26.92 6.94 -12.36
C PRO D 57 25.89 5.83 -12.49
N VAL D 58 24.66 6.09 -12.04
CA VAL D 58 23.57 5.11 -12.14
C VAL D 58 22.28 5.75 -12.64
N TYR D 59 21.59 5.05 -13.55
CA TYR D 59 20.37 5.53 -14.21
C TYR D 59 19.31 4.41 -14.26
N ALA D 60 18.05 4.79 -14.44
CA ALA D 60 16.99 3.82 -14.42
C ALA D 60 15.86 4.06 -15.42
N PRO D 61 16.20 4.49 -16.65
CA PRO D 61 15.18 4.75 -17.68
C PRO D 61 14.41 3.49 -18.10
N ASP D 62 13.09 3.64 -18.26
CA ASP D 62 12.16 2.55 -18.65
C ASP D 62 12.54 1.96 -20.03
N ASN D 63 12.99 2.83 -20.92
CA ASN D 63 13.48 2.43 -22.23
C ASN D 63 14.85 3.04 -22.56
N VAL D 64 15.89 2.27 -22.22
CA VAL D 64 17.28 2.62 -22.53
C VAL D 64 17.53 2.58 -24.03
N ASN D 65 16.72 1.83 -24.77
CA ASN D 65 16.79 1.87 -26.24
C ASN D 65 16.26 3.15 -26.92
N HIS D 66 15.87 4.15 -26.16
CA HIS D 66 15.54 5.45 -26.72
C HIS D 66 16.87 6.07 -27.26
N PRO D 67 16.80 6.79 -28.39
CA PRO D 67 17.99 7.42 -28.99
C PRO D 67 18.93 8.17 -28.04
N LEU D 68 18.38 8.97 -27.15
CA LEU D 68 19.16 9.78 -26.18
C LEU D 68 20.12 9.00 -25.23
N TRP D 69 19.78 7.75 -24.93
CA TRP D 69 20.65 6.88 -24.09
C TRP D 69 21.71 6.13 -24.93
N VAL D 70 21.31 5.63 -26.09
CA VAL D 70 22.26 4.98 -27.00
C VAL D 70 23.42 5.93 -27.35
N GLU D 71 23.13 7.23 -27.50
CA GLU D 71 24.17 8.25 -27.75
C GLU D 71 24.96 8.57 -26.49
N ARG D 72 24.27 8.64 -25.35
CA ARG D 72 24.93 8.87 -24.05
CA ARG D 72 24.94 8.87 -24.05
C ARG D 72 25.83 7.69 -23.66
N ILE D 73 25.39 6.45 -23.95
CA ILE D 73 26.26 5.30 -23.74
C ILE D 73 27.43 5.40 -24.72
N ALA D 74 27.12 5.57 -26.01
CA ALA D 74 28.16 5.69 -27.05
C ALA D 74 29.31 6.57 -26.61
N GLN D 75 28.96 7.71 -25.99
CA GLN D 75 29.95 8.63 -25.44
C GLN D 75 30.87 7.98 -24.40
N LEU D 76 30.34 7.14 -23.53
CA LEU D 76 31.12 6.52 -22.43
C LEU D 76 32.31 5.60 -22.84
N SER D 77 32.26 5.04 -24.06
CA SER D 77 33.29 4.16 -24.65
C SER D 77 33.45 2.85 -23.90
N PRO D 78 32.36 2.10 -23.75
CA PRO D 78 32.53 0.74 -23.27
C PRO D 78 33.31 -0.15 -24.26
N ASP D 79 34.32 -0.85 -23.77
CA ASP D 79 34.96 -1.94 -24.54
C ASP D 79 34.05 -3.19 -24.61
N VAL D 80 33.45 -3.53 -23.47
CA VAL D 80 32.59 -4.71 -23.30
C VAL D 80 31.37 -4.32 -22.46
N ILE D 81 30.25 -5.01 -22.66
CA ILE D 81 28.99 -4.74 -21.97
C ILE D 81 28.50 -5.95 -21.18
N PHE D 82 28.02 -5.75 -19.95
CA PHE D 82 27.48 -6.89 -19.21
C PHE D 82 26.04 -6.64 -18.82
N SER D 83 25.24 -7.71 -18.73
CA SER D 83 23.87 -7.66 -18.21
C SER D 83 23.75 -8.69 -17.13
N PHE D 84 23.27 -8.28 -15.98
CA PHE D 84 23.20 -9.17 -14.85
C PHE D 84 21.77 -9.01 -14.38
N TYR D 85 20.86 -9.74 -15.01
CA TYR D 85 19.46 -9.73 -14.58
C TYR D 85 18.65 -8.43 -14.86
N TYR D 86 19.10 -7.65 -15.85
CA TYR D 86 18.31 -6.61 -16.49
C TYR D 86 17.02 -7.17 -17.13
N ARG D 87 16.00 -6.33 -17.24
CA ARG D 87 14.60 -6.76 -17.45
C ARG D 87 13.99 -6.28 -18.77
N HIS D 88 14.80 -5.67 -19.61
CA HIS D 88 14.33 -5.12 -20.84
C HIS D 88 15.34 -5.48 -21.92
N LEU D 89 14.88 -6.06 -23.04
CA LEU D 89 15.70 -6.27 -24.25
C LEU D 89 16.37 -4.98 -24.72
N ILE D 90 17.67 -5.11 -24.99
CA ILE D 90 18.62 -4.01 -25.24
C ILE D 90 19.03 -4.20 -26.68
N TYR D 91 18.83 -3.19 -27.51
CA TYR D 91 18.78 -3.46 -28.95
C TYR D 91 20.17 -3.52 -29.58
N ASP D 92 20.28 -4.34 -30.61
CA ASP D 92 21.34 -4.35 -31.64
C ASP D 92 22.28 -3.13 -31.59
N GLU D 93 21.68 -1.94 -31.68
CA GLU D 93 22.39 -0.67 -31.74
C GLU D 93 23.27 -0.37 -30.54
N ILE D 94 22.83 -0.71 -29.32
CA ILE D 94 23.69 -0.60 -28.13
C ILE D 94 24.71 -1.76 -28.03
N LEU D 95 24.34 -2.95 -28.54
CA LEU D 95 25.25 -4.11 -28.53
C LEU D 95 26.46 -3.96 -29.46
N GLN D 96 26.28 -3.25 -30.56
CA GLN D 96 27.35 -3.01 -31.53
C GLN D 96 28.21 -1.79 -31.15
N LEU D 97 28.11 -1.30 -29.91
CA LEU D 97 29.05 -0.26 -29.37
C LEU D 97 30.17 -0.82 -28.45
N ALA D 98 30.22 -2.13 -28.28
CA ALA D 98 31.22 -2.80 -27.47
C ALA D 98 31.99 -3.68 -28.44
N PRO D 99 33.20 -3.25 -28.84
CA PRO D 99 34.01 -4.07 -29.75
C PRO D 99 34.36 -5.44 -29.19
N ALA D 100 34.59 -5.52 -27.87
CA ALA D 100 34.98 -6.76 -27.20
C ALA D 100 33.80 -7.61 -26.83
N GLY D 101 32.59 -7.06 -26.90
CA GLY D 101 31.38 -7.86 -26.87
C GLY D 101 30.39 -7.44 -25.80
N ALA D 102 29.24 -8.12 -25.80
CA ALA D 102 28.20 -7.90 -24.80
C ALA D 102 27.85 -9.25 -24.16
N PHE D 103 27.85 -9.34 -22.84
CA PHE D 103 27.56 -10.61 -22.16
C PHE D 103 26.40 -10.48 -21.17
N ASN D 104 25.67 -11.59 -21.01
CA ASN D 104 24.54 -11.70 -20.10
C ASN D 104 24.63 -12.94 -19.21
N LEU D 105 24.23 -12.80 -17.95
CA LEU D 105 24.20 -13.91 -16.98
C LEU D 105 22.77 -14.37 -16.77
N HIS D 106 22.49 -15.63 -17.02
CA HIS D 106 21.13 -16.14 -16.98
C HIS D 106 21.02 -17.34 -16.04
N GLY D 107 19.92 -17.44 -15.28
CA GLY D 107 19.74 -18.51 -14.30
C GLY D 107 19.02 -19.70 -14.85
N SER D 108 19.51 -20.26 -15.97
CA SER D 108 19.03 -21.56 -16.48
C SER D 108 20.09 -22.26 -17.30
N LEU D 109 19.79 -23.51 -17.66
CA LEU D 109 20.64 -24.31 -18.55
C LEU D 109 20.30 -24.03 -20.00
N LEU D 110 20.71 -22.87 -20.48
CA LEU D 110 20.37 -22.51 -21.81
C LEU D 110 20.95 -23.60 -22.75
N PRO D 111 20.22 -23.96 -23.81
CA PRO D 111 19.04 -23.25 -24.28
C PRO D 111 17.70 -23.62 -23.61
N LYS D 112 17.69 -24.43 -22.57
CA LYS D 112 16.44 -24.68 -21.81
C LYS D 112 16.15 -23.47 -20.91
N TYR D 113 14.88 -23.11 -20.80
CA TYR D 113 14.40 -22.02 -19.96
C TYR D 113 14.99 -20.64 -20.30
N ARG D 114 14.94 -20.31 -21.59
CA ARG D 114 15.05 -18.93 -22.02
C ARG D 114 13.83 -18.15 -21.54
N GLY D 115 13.94 -16.82 -21.50
CA GLY D 115 12.86 -15.95 -21.15
C GLY D 115 12.92 -15.34 -19.76
N ARG D 116 11.76 -15.22 -19.12
CA ARG D 116 11.64 -14.59 -17.83
C ARG D 116 11.47 -15.63 -16.73
N ALA D 117 11.91 -15.23 -15.53
CA ALA D 117 11.71 -15.94 -14.27
C ALA D 117 12.10 -17.41 -14.30
N PRO D 118 13.21 -17.74 -14.98
CA PRO D 118 13.60 -19.15 -15.05
C PRO D 118 13.84 -19.82 -13.69
N LEU D 119 14.15 -19.05 -12.64
CA LEU D 119 14.16 -19.60 -11.25
C LEU D 119 12.82 -20.27 -10.88
N ASN D 120 11.76 -19.52 -11.13
CA ASN D 120 10.42 -19.88 -10.74
C ASN D 120 9.85 -20.95 -11.71
N TRP D 121 10.04 -20.77 -13.02
CA TRP D 121 9.52 -21.75 -14.03
C TRP D 121 10.03 -23.18 -13.88
N VAL D 122 11.28 -23.34 -13.44
CA VAL D 122 11.83 -24.68 -13.18
C VAL D 122 11.21 -25.33 -11.95
N LEU D 123 10.64 -24.53 -11.05
CA LEU D 123 10.00 -25.12 -9.87
C LEU D 123 8.56 -25.49 -10.21
N VAL D 124 7.93 -24.61 -10.98
CA VAL D 124 6.62 -24.86 -11.55
C VAL D 124 6.60 -26.24 -12.23
N ASN D 125 7.50 -26.42 -13.20
CA ASN D 125 7.59 -27.67 -13.99
C ASN D 125 8.28 -28.83 -13.29
N GLY D 126 8.61 -28.69 -12.02
CA GLY D 126 9.18 -29.78 -11.24
C GLY D 126 10.43 -30.38 -11.84
N GLU D 127 11.31 -29.52 -12.35
CA GLU D 127 12.64 -29.95 -12.77
C GLU D 127 13.47 -30.37 -11.56
N THR D 128 14.39 -31.31 -11.83
CA THR D 128 15.33 -31.82 -10.82
C THR D 128 16.74 -31.20 -10.94
N GLU D 129 16.97 -30.45 -12.03
CA GLU D 129 18.17 -29.65 -12.28
C GLU D 129 17.90 -28.26 -12.96
N THR D 130 18.85 -27.34 -12.79
CA THR D 130 18.88 -26.05 -13.55
C THR D 130 20.35 -25.59 -13.59
N GLY D 131 20.61 -24.29 -13.68
CA GLY D 131 21.95 -23.78 -13.42
C GLY D 131 22.11 -22.35 -13.84
N VAL D 132 23.30 -21.99 -14.32
CA VAL D 132 23.65 -20.61 -14.64
C VAL D 132 24.54 -20.62 -15.83
N THR D 133 24.31 -19.65 -16.72
CA THR D 133 24.89 -19.62 -18.03
C THR D 133 25.30 -18.20 -18.31
N LEU D 134 26.49 -18.04 -18.90
CA LEU D 134 26.97 -16.75 -19.35
C LEU D 134 27.19 -16.89 -20.80
N HIS D 135 26.59 -16.01 -21.58
CA HIS D 135 26.51 -16.19 -22.99
C HIS D 135 26.61 -14.85 -23.68
N ARG D 136 26.92 -14.82 -24.98
CA ARG D 136 26.95 -13.54 -25.72
C ARG D 136 25.52 -13.02 -25.82
N MET D 137 25.36 -11.71 -25.66
CA MET D 137 24.08 -11.05 -25.91
C MET D 137 23.90 -10.76 -27.38
N VAL D 138 22.79 -11.18 -27.96
CA VAL D 138 22.49 -10.87 -29.36
C VAL D 138 21.15 -10.11 -29.47
N LYS D 139 20.60 -10.06 -30.68
CA LYS D 139 19.30 -9.45 -30.97
C LYS D 139 18.18 -10.25 -30.29
N ARG D 140 18.10 -11.54 -30.60
CA ARG D 140 17.13 -12.41 -29.96
C ARG D 140 17.59 -12.67 -28.54
N ALA D 141 16.63 -12.73 -27.62
CA ALA D 141 16.95 -12.84 -26.21
C ALA D 141 17.44 -14.24 -25.85
N ASP D 142 18.41 -14.28 -24.93
CA ASP D 142 18.87 -15.52 -24.30
C ASP D 142 19.46 -16.51 -25.30
N ALA D 143 19.86 -16.02 -26.46
CA ALA D 143 20.02 -16.87 -27.62
C ALA D 143 21.47 -17.09 -28.03
N GLY D 144 22.37 -16.15 -27.69
CA GLY D 144 23.74 -16.14 -28.23
C GLY D 144 24.60 -17.27 -27.73
N ALA D 145 25.83 -17.31 -28.21
CA ALA D 145 26.75 -18.43 -27.94
C ALA D 145 27.19 -18.51 -26.46
N ILE D 146 27.13 -19.71 -25.90
CA ILE D 146 27.48 -19.93 -24.51
C ILE D 146 28.99 -19.90 -24.30
N VAL D 147 29.42 -19.15 -23.29
CA VAL D 147 30.84 -18.97 -22.91
C VAL D 147 31.16 -19.89 -21.73
N ALA D 148 30.27 -19.92 -20.74
CA ALA D 148 30.38 -20.88 -19.66
C ALA D 148 29.02 -21.21 -19.06
N GLN D 149 28.97 -22.35 -18.38
CA GLN D 149 27.74 -22.87 -17.80
C GLN D 149 28.04 -23.84 -16.70
N LEU D 150 27.29 -23.71 -15.60
CA LEU D 150 27.46 -24.53 -14.41
C LEU D 150 26.09 -25.05 -14.03
N ARG D 151 26.06 -26.30 -13.56
CA ARG D 151 24.84 -27.05 -13.31
C ARG D 151 24.61 -27.17 -11.79
N ILE D 152 23.36 -27.15 -11.36
CA ILE D 152 23.00 -27.55 -10.00
C ILE D 152 21.71 -28.36 -9.93
N ALA D 153 21.61 -29.10 -8.84
CA ALA D 153 20.48 -29.95 -8.49
C ALA D 153 19.43 -29.16 -7.70
N ILE D 154 18.18 -29.42 -8.04
CA ILE D 154 17.01 -28.92 -7.33
C ILE D 154 16.53 -30.04 -6.42
N ALA D 155 16.79 -29.96 -5.11
CA ALA D 155 16.26 -30.89 -4.13
C ALA D 155 14.71 -30.81 -4.07
N PRO D 156 14.02 -31.93 -3.74
CA PRO D 156 12.56 -31.86 -3.89
C PRO D 156 11.93 -30.85 -2.94
N ASP D 157 12.60 -30.54 -1.82
CA ASP D 157 12.14 -29.55 -0.84
C ASP D 157 12.75 -28.13 -1.00
N ASP D 158 13.44 -27.89 -2.11
CA ASP D 158 13.83 -26.55 -2.48
C ASP D 158 12.58 -25.76 -2.86
N ILE D 159 12.61 -24.50 -2.45
CA ILE D 159 11.59 -23.52 -2.80
C ILE D 159 12.34 -22.36 -3.50
N ALA D 160 11.61 -21.33 -3.89
CA ALA D 160 12.21 -20.26 -4.74
C ALA D 160 13.42 -19.59 -4.09
N ILE D 161 13.38 -19.38 -2.76
CA ILE D 161 14.49 -18.73 -2.05
C ILE D 161 15.72 -19.62 -1.82
N THR D 162 15.55 -20.90 -1.50
CA THR D 162 16.74 -21.74 -1.27
C THR D 162 17.43 -21.96 -2.62
N LEU D 163 16.63 -22.08 -3.68
CA LEU D 163 17.11 -22.22 -5.05
C LEU D 163 17.72 -20.93 -5.55
N HIS D 164 17.11 -19.81 -5.19
CA HIS D 164 17.68 -18.49 -5.55
C HIS D 164 19.15 -18.32 -5.05
N HIS D 165 19.43 -18.71 -3.82
CA HIS D 165 20.77 -18.60 -3.25
C HIS D 165 21.70 -19.64 -3.88
N LYS D 166 21.16 -20.80 -4.28
CA LYS D 166 21.98 -21.78 -5.00
C LYS D 166 22.41 -21.27 -6.35
N LEU D 167 21.48 -20.65 -7.06
CA LEU D 167 21.78 -19.95 -8.31
C LEU D 167 22.79 -18.81 -8.12
N CYS D 168 22.62 -18.02 -7.08
CA CYS D 168 23.53 -16.87 -6.84
C CYS D 168 24.94 -17.33 -6.50
N HIS D 169 25.04 -18.31 -5.61
CA HIS D 169 26.33 -18.93 -5.29
C HIS D 169 27.08 -19.46 -6.55
N ALA D 170 26.36 -20.28 -7.34
CA ALA D 170 26.87 -20.77 -8.64
C ALA D 170 27.29 -19.69 -9.65
N ALA D 171 26.52 -18.60 -9.71
CA ALA D 171 26.85 -17.46 -10.57
C ALA D 171 28.17 -16.80 -10.13
N ARG D 172 28.43 -16.72 -8.82
CA ARG D 172 29.68 -16.18 -8.32
C ARG D 172 30.83 -17.05 -8.80
N GLN D 173 30.65 -18.37 -8.67
CA GLN D 173 31.68 -19.31 -9.08
C GLN D 173 32.01 -19.17 -10.55
N LEU D 174 30.95 -19.14 -11.35
CA LEU D 174 31.06 -19.02 -12.80
C LEU D 174 31.84 -17.79 -13.21
N LEU D 175 31.48 -16.67 -12.62
CA LEU D 175 32.11 -15.39 -12.92
C LEU D 175 33.55 -15.47 -12.52
N GLU D 176 33.86 -16.03 -11.36
CA GLU D 176 35.27 -16.24 -11.00
C GLU D 176 36.04 -17.18 -11.96
N GLN D 177 35.36 -18.16 -12.55
CA GLN D 177 35.97 -19.09 -13.50
C GLN D 177 36.04 -18.63 -14.95
N THR D 178 35.46 -17.47 -15.23
CA THR D 178 35.26 -17.01 -16.59
C THR D 178 35.73 -15.59 -16.82
N LEU D 179 35.49 -14.69 -15.84
CA LEU D 179 35.78 -13.26 -16.03
C LEU D 179 37.24 -12.98 -16.44
N PRO D 180 38.21 -13.65 -15.82
CA PRO D 180 39.59 -13.48 -16.28
C PRO D 180 39.86 -13.82 -17.77
N ALA D 181 39.29 -14.92 -18.24
CA ALA D 181 39.43 -15.31 -19.65
C ALA D 181 38.80 -14.30 -20.61
N ILE D 182 37.73 -13.65 -20.19
CA ILE D 182 37.12 -12.58 -20.98
C ILE D 182 38.12 -11.43 -21.06
N LYS D 183 38.69 -11.10 -19.91
CA LYS D 183 39.64 -10.01 -19.80
C LYS D 183 40.88 -10.28 -20.68
N HIS D 184 41.34 -11.52 -20.71
CA HIS D 184 42.56 -11.83 -21.48
C HIS D 184 42.30 -12.16 -22.95
N GLY D 185 41.06 -12.17 -23.40
CA GLY D 185 40.71 -12.59 -24.76
C GLY D 185 40.90 -14.09 -25.05
N ASN D 186 40.70 -14.94 -24.05
CA ASN D 186 40.88 -16.40 -24.17
C ASN D 186 39.54 -17.12 -23.90
N ILE D 187 38.56 -16.69 -24.66
CA ILE D 187 37.17 -17.09 -24.53
C ILE D 187 36.83 -18.10 -25.63
N LEU D 188 36.31 -19.28 -25.25
CA LEU D 188 35.75 -20.25 -26.21
C LEU D 188 34.25 -20.20 -26.10
N GLU D 189 33.59 -20.08 -27.24
CA GLU D 189 32.14 -19.99 -27.29
C GLU D 189 31.51 -21.00 -28.23
N ILE D 190 30.43 -21.62 -27.74
CA ILE D 190 29.70 -22.67 -28.41
C ILE D 190 28.27 -22.17 -28.70
N ALA D 191 27.88 -22.10 -29.96
CA ALA D 191 26.50 -21.81 -30.35
C ALA D 191 25.47 -22.67 -29.59
N GLN D 192 24.28 -22.13 -29.35
CA GLN D 192 23.23 -22.88 -28.64
C GLN D 192 22.57 -23.88 -29.57
N ARG D 193 22.24 -25.04 -29.02
CA ARG D 193 21.61 -26.11 -29.80
C ARG D 193 20.10 -25.83 -29.92
N GLU D 194 19.74 -24.98 -30.89
CA GLU D 194 18.35 -24.59 -31.14
C GLU D 194 17.22 -25.67 -30.97
N ASN D 195 17.47 -26.90 -31.42
CA ASN D 195 16.45 -27.98 -31.35
C ASN D 195 16.05 -28.38 -29.93
N GLU D 196 16.94 -28.15 -28.96
CA GLU D 196 16.65 -28.47 -27.55
C GLU D 196 16.12 -27.25 -26.74
N ALA D 197 15.77 -26.16 -27.45
CA ALA D 197 15.47 -24.86 -26.86
C ALA D 197 14.04 -24.70 -26.37
N THR D 198 13.90 -24.24 -25.13
CA THR D 198 12.61 -23.84 -24.59
C THR D 198 12.64 -22.36 -24.18
N CYS D 199 11.45 -21.78 -24.21
CA CYS D 199 11.20 -20.38 -23.93
C CYS D 199 9.94 -20.31 -23.02
N PHE D 200 10.03 -19.51 -21.95
CA PHE D 200 8.91 -19.28 -21.01
C PHE D 200 8.73 -17.78 -20.72
N GLY D 201 7.48 -17.35 -20.56
CA GLY D 201 7.15 -15.92 -20.52
C GLY D 201 7.06 -15.34 -19.13
N ARG D 202 6.78 -14.04 -19.10
CA ARG D 202 6.48 -13.27 -17.86
C ARG D 202 5.51 -13.98 -16.92
N ARG D 203 5.86 -14.06 -15.64
CA ARG D 203 4.93 -14.52 -14.62
C ARG D 203 4.45 -13.32 -13.83
N THR D 204 3.14 -13.26 -13.59
CA THR D 204 2.53 -12.26 -12.71
C THR D 204 2.01 -12.97 -11.48
N PRO D 205 1.69 -12.19 -10.42
CA PRO D 205 1.14 -12.89 -9.25
C PRO D 205 -0.11 -13.73 -9.54
N ASP D 206 -0.92 -13.32 -10.52
CA ASP D 206 -2.12 -14.11 -10.88
C ASP D 206 -1.85 -15.54 -11.35
N ASP D 207 -0.69 -15.76 -11.94
CA ASP D 207 -0.29 -17.08 -12.44
C ASP D 207 -0.02 -18.14 -11.36
N SER D 208 -0.12 -17.77 -10.07
CA SER D 208 0.03 -18.72 -8.97
C SER D 208 -1.33 -19.02 -8.30
N PHE D 209 -2.42 -18.65 -8.96
CA PHE D 209 -3.74 -19.10 -8.53
C PHE D 209 -3.73 -20.63 -8.57
N LEU D 210 -4.16 -21.22 -7.45
CA LEU D 210 -4.23 -22.66 -7.27
C LEU D 210 -5.54 -23.24 -7.84
N GLU D 211 -5.44 -23.77 -9.06
CA GLU D 211 -6.54 -24.47 -9.75
C GLU D 211 -6.68 -25.89 -9.20
N TRP D 212 -7.68 -26.12 -8.36
CA TRP D 212 -7.76 -27.34 -7.53
C TRP D 212 -8.06 -28.63 -8.29
N HIS D 213 -8.52 -28.51 -9.54
CA HIS D 213 -8.68 -29.67 -10.44
C HIS D 213 -7.37 -30.34 -10.86
N LYS D 214 -6.25 -29.64 -10.69
CA LYS D 214 -4.96 -30.14 -11.12
C LYS D 214 -4.44 -31.16 -10.09
N PRO D 215 -3.45 -31.98 -10.45
CA PRO D 215 -2.88 -32.87 -9.43
C PRO D 215 -2.25 -32.13 -8.24
N ALA D 216 -2.24 -32.76 -7.07
CA ALA D 216 -1.66 -32.21 -5.86
C ALA D 216 -0.12 -32.15 -5.93
N SER D 217 0.46 -33.17 -6.59
CA SER D 217 1.80 -33.12 -7.19
C SER D 217 2.13 -31.75 -7.82
N VAL D 218 1.31 -31.36 -8.79
CA VAL D 218 1.50 -30.16 -9.63
C VAL D 218 1.24 -28.84 -8.89
N LEU D 219 0.31 -28.87 -7.93
CA LEU D 219 0.01 -27.71 -7.09
C LEU D 219 1.11 -27.45 -6.07
N HIS D 220 1.63 -28.51 -5.44
CA HIS D 220 2.81 -28.42 -4.58
C HIS D 220 3.98 -27.71 -5.30
N ASN D 221 4.20 -27.99 -6.58
CA ASN D 221 5.20 -27.25 -7.36
C ASN D 221 4.93 -25.75 -7.45
N MET D 222 3.64 -25.36 -7.57
CA MET D 222 3.29 -23.93 -7.66
CA MET D 222 3.28 -23.94 -7.64
C MET D 222 3.61 -23.21 -6.33
N VAL D 223 3.32 -23.86 -5.19
CA VAL D 223 3.57 -23.31 -3.83
C VAL D 223 5.06 -23.06 -3.69
N ARG D 224 5.83 -24.12 -3.92
CA ARG D 224 7.28 -24.07 -3.98
C ARG D 224 7.77 -22.91 -4.86
N ALA D 225 7.35 -22.89 -6.13
CA ALA D 225 7.78 -21.86 -7.10
C ALA D 225 7.67 -20.38 -6.71
N VAL D 226 6.68 -20.00 -5.90
CA VAL D 226 6.54 -18.59 -5.52
C VAL D 226 6.42 -18.41 -4.03
N ALA D 227 7.04 -19.31 -3.26
CA ALA D 227 7.04 -19.16 -1.79
C ALA D 227 7.72 -17.88 -1.35
N ASP D 228 7.34 -17.38 -0.20
CA ASP D 228 7.86 -16.09 0.25
C ASP D 228 9.39 -16.07 0.11
N PRO D 229 10.02 -15.08 -0.53
CA PRO D 229 9.50 -13.72 -0.75
C PRO D 229 8.89 -13.40 -2.12
N TRP D 230 8.60 -14.44 -2.90
CA TRP D 230 7.77 -14.28 -4.08
C TRP D 230 6.31 -14.18 -3.63
N PRO D 231 5.37 -13.94 -4.59
CA PRO D 231 4.02 -13.53 -4.18
C PRO D 231 3.16 -14.57 -3.43
N GLY D 232 3.44 -15.84 -3.59
CA GLY D 232 2.68 -16.88 -2.88
C GLY D 232 1.64 -17.55 -3.75
N ALA D 233 1.40 -18.83 -3.49
CA ALA D 233 0.27 -19.51 -4.13
C ALA D 233 -0.94 -19.10 -3.33
N PHE D 234 -2.09 -18.92 -3.98
CA PHE D 234 -3.31 -18.52 -3.26
C PHE D 234 -4.61 -19.18 -3.73
N SER D 235 -5.61 -19.09 -2.86
CA SER D 235 -6.99 -19.38 -3.23
C SER D 235 -7.90 -18.35 -2.53
N TYR D 236 -9.19 -18.61 -2.53
CA TYR D 236 -10.17 -17.74 -1.96
C TYR D 236 -11.16 -18.43 -1.09
N VAL D 237 -11.65 -17.69 -0.12
CA VAL D 237 -12.92 -18.00 0.52
C VAL D 237 -13.82 -16.76 0.28
N GLY D 238 -14.88 -16.96 -0.49
CA GLY D 238 -15.62 -15.88 -1.11
C GLY D 238 -14.76 -14.68 -1.47
N ASN D 239 -14.99 -13.58 -0.75
CA ASN D 239 -14.20 -12.37 -1.01
C ASN D 239 -12.77 -12.40 -0.39
N GLN D 240 -12.51 -13.31 0.56
CA GLN D 240 -11.18 -13.41 1.20
C GLN D 240 -10.17 -14.28 0.46
N LYS D 241 -9.17 -13.64 -0.11
CA LYS D 241 -7.97 -14.32 -0.70
C LYS D 241 -7.04 -14.78 0.42
N PHE D 242 -6.61 -16.04 0.37
CA PHE D 242 -5.61 -16.53 1.33
C PHE D 242 -4.47 -17.15 0.54
N THR D 243 -3.26 -17.11 1.12
CA THR D 243 -2.04 -17.56 0.44
C THR D 243 -1.52 -18.84 1.09
N VAL D 244 -1.09 -19.79 0.27
CA VAL D 244 -0.46 -21.04 0.73
C VAL D 244 1.03 -20.85 0.65
N TRP D 245 1.68 -20.88 1.80
CA TRP D 245 3.12 -20.58 1.81
C TRP D 245 3.99 -21.85 1.68
N SER D 246 3.52 -22.93 2.31
CA SER D 246 4.19 -24.25 2.24
C SER D 246 3.19 -25.40 2.27
N SER D 247 3.56 -26.46 1.62
CA SER D 247 2.64 -27.54 1.36
C SER D 247 3.38 -28.87 1.36
N ARG D 248 2.61 -29.95 1.25
CA ARG D 248 3.10 -31.31 1.26
C ARG D 248 2.06 -32.16 0.52
N VAL D 249 2.54 -33.13 -0.25
CA VAL D 249 1.69 -34.02 -1.04
C VAL D 249 1.14 -35.15 -0.15
N HIS D 250 -0.16 -35.43 -0.25
CA HIS D 250 -0.83 -36.53 0.48
C HIS D 250 -1.58 -37.44 -0.48
N PRO D 251 -1.75 -38.74 -0.13
CA PRO D 251 -2.28 -39.82 -1.01
C PRO D 251 -3.54 -39.49 -1.85
N GLN D 257 -14.18 -34.14 -3.21
CA GLN D 257 -14.41 -33.23 -4.34
C GLN D 257 -13.37 -32.06 -4.44
N PRO D 258 -12.73 -31.85 -5.63
CA PRO D 258 -11.56 -30.97 -5.66
C PRO D 258 -11.93 -29.49 -5.48
N GLY D 259 -11.26 -28.84 -4.55
CA GLY D 259 -11.64 -27.51 -4.10
C GLY D 259 -12.29 -27.50 -2.72
N SER D 260 -12.47 -28.69 -2.11
CA SER D 260 -13.12 -28.83 -0.81
C SER D 260 -12.16 -29.28 0.29
N VAL D 261 -12.46 -28.89 1.52
CA VAL D 261 -11.60 -29.24 2.64
C VAL D 261 -11.85 -30.69 3.05
N ILE D 262 -10.81 -31.52 2.95
CA ILE D 262 -10.83 -32.91 3.46
C ILE D 262 -10.80 -32.93 5.00
N SER D 263 -9.78 -32.33 5.61
CA SER D 263 -9.76 -32.03 7.06
C SER D 263 -9.13 -30.67 7.34
N VAL D 264 -9.27 -30.23 8.59
CA VAL D 264 -8.76 -28.92 9.02
C VAL D 264 -7.46 -28.94 9.84
N ALA D 265 -6.99 -30.12 10.25
CA ALA D 265 -5.75 -30.22 11.02
C ALA D 265 -5.26 -31.68 10.97
N PRO D 266 -4.41 -32.07 9.98
CA PRO D 266 -3.80 -31.20 8.97
C PRO D 266 -4.79 -30.55 8.00
N LEU D 267 -4.50 -29.34 7.53
CA LEU D 267 -5.40 -28.64 6.62
C LEU D 267 -5.17 -29.19 5.26
N LEU D 268 -6.07 -30.06 4.82
CA LEU D 268 -5.88 -30.91 3.65
C LEU D 268 -7.00 -30.53 2.71
N ILE D 269 -6.66 -30.12 1.48
CA ILE D 269 -7.65 -29.78 0.48
C ILE D 269 -7.62 -30.88 -0.57
N ALA D 270 -8.79 -31.34 -1.00
CA ALA D 270 -8.88 -32.34 -2.07
C ALA D 270 -8.49 -31.67 -3.36
N CYS D 271 -7.76 -32.39 -4.23
CA CYS D 271 -7.48 -31.96 -5.61
C CYS D 271 -7.87 -33.07 -6.61
N GLY D 272 -7.68 -32.82 -7.91
CA GLY D 272 -8.15 -33.74 -8.96
C GLY D 272 -7.46 -35.08 -9.11
N ASP D 273 -6.34 -35.25 -8.42
CA ASP D 273 -5.60 -36.50 -8.35
C ASP D 273 -4.61 -36.38 -7.19
N GLY D 274 -5.14 -36.51 -5.98
CA GLY D 274 -4.38 -36.35 -4.75
C GLY D 274 -4.91 -35.20 -3.90
N ALA D 275 -4.38 -35.13 -2.68
CA ALA D 275 -4.75 -34.13 -1.69
C ALA D 275 -3.58 -33.17 -1.35
N LEU D 276 -3.87 -31.87 -1.15
CA LEU D 276 -2.84 -30.91 -0.73
C LEU D 276 -2.99 -30.36 0.71
N GLU D 277 -2.02 -30.71 1.56
CA GLU D 277 -1.83 -30.10 2.91
C GLU D 277 -1.36 -28.64 2.84
N ILE D 278 -1.98 -27.79 3.66
CA ILE D 278 -1.56 -26.39 3.76
C ILE D 278 -0.73 -26.34 5.01
N VAL D 279 0.59 -26.36 4.87
CA VAL D 279 1.47 -26.45 6.05
C VAL D 279 1.52 -25.09 6.72
N THR D 280 1.71 -24.02 5.94
CA THR D 280 1.51 -22.66 6.44
C THR D 280 0.90 -21.77 5.38
N GLY D 281 0.36 -20.66 5.89
CA GLY D 281 -0.31 -19.68 5.06
C GLY D 281 -0.75 -18.44 5.81
N GLN D 282 -1.38 -17.53 5.05
CA GLN D 282 -1.98 -16.33 5.61
C GLN D 282 -3.29 -15.99 4.95
N ALA D 283 -4.13 -15.24 5.68
CA ALA D 283 -5.40 -14.76 5.20
C ALA D 283 -5.25 -13.27 4.88
N GLY D 284 -5.56 -12.89 3.65
CA GLY D 284 -5.38 -11.50 3.27
C GLY D 284 -3.94 -11.04 3.45
N ASP D 285 -3.79 -9.90 4.13
CA ASP D 285 -2.47 -9.37 4.49
C ASP D 285 -2.06 -9.73 5.92
N GLY D 286 -2.80 -10.62 6.58
CA GLY D 286 -2.47 -11.05 7.95
C GLY D 286 -1.16 -11.79 8.06
N ILE D 287 -0.83 -12.22 9.27
CA ILE D 287 0.42 -12.90 9.52
C ILE D 287 0.35 -14.35 9.03
N THR D 288 1.52 -14.90 8.75
CA THR D 288 1.71 -16.32 8.52
C THR D 288 1.53 -17.21 9.75
N MET D 289 0.72 -18.27 9.62
CA MET D 289 0.48 -19.23 10.71
C MET D 289 0.42 -20.67 10.14
N GLN D 290 0.44 -21.66 11.03
CA GLN D 290 0.28 -23.06 10.58
C GLN D 290 -1.09 -23.28 9.97
N GLY D 291 -1.21 -24.39 9.25
CA GLY D 291 -2.45 -24.73 8.52
C GLY D 291 -3.65 -24.97 9.43
N SER D 292 -3.41 -25.58 10.59
CA SER D 292 -4.47 -25.78 11.56
C SER D 292 -5.14 -24.44 11.97
N GLN D 293 -4.34 -23.38 12.10
CA GLN D 293 -4.79 -22.11 12.66
C GLN D 293 -5.41 -21.19 11.61
N LEU D 294 -4.82 -21.22 10.42
CA LEU D 294 -5.38 -20.57 9.23
C LEU D 294 -6.77 -21.10 8.85
N ALA D 295 -7.00 -22.42 9.06
CA ALA D 295 -8.34 -23.04 8.85
C ALA D 295 -9.35 -22.40 9.74
N GLN D 296 -8.98 -22.27 11.01
CA GLN D 296 -9.74 -21.56 12.03
C GLN D 296 -10.00 -20.09 11.62
N THR D 297 -8.96 -19.30 11.33
CA THR D 297 -9.07 -17.89 10.94
C THR D 297 -10.05 -17.64 9.80
N LEU D 298 -9.98 -18.52 8.81
CA LEU D 298 -10.86 -18.50 7.64
C LEU D 298 -12.29 -18.99 7.93
N GLY D 299 -12.50 -19.64 9.07
CA GLY D 299 -13.80 -20.25 9.37
C GLY D 299 -14.08 -21.43 8.43
N LEU D 300 -13.02 -22.12 8.02
CA LEU D 300 -13.15 -23.36 7.25
C LEU D 300 -13.49 -24.55 8.14
N VAL D 301 -14.09 -25.56 7.52
CA VAL D 301 -14.63 -26.73 8.21
C VAL D 301 -14.56 -27.89 7.26
N GLN D 302 -14.52 -29.11 7.78
CA GLN D 302 -14.61 -30.23 6.87
C GLN D 302 -15.86 -30.08 6.02
N GLY D 303 -15.70 -30.00 4.71
CA GLY D 303 -16.81 -29.79 3.79
C GLY D 303 -16.84 -28.44 3.11
N SER D 304 -16.17 -27.43 3.68
CA SER D 304 -16.11 -26.08 3.06
C SER D 304 -15.52 -26.13 1.62
N ARG D 305 -16.01 -25.25 0.75
CA ARG D 305 -15.59 -25.19 -0.64
C ARG D 305 -14.84 -23.88 -0.93
N LEU D 306 -13.66 -23.99 -1.51
CA LEU D 306 -12.89 -22.82 -1.89
C LEU D 306 -13.38 -22.38 -3.26
N ASN D 307 -13.15 -21.11 -3.59
CA ASN D 307 -13.54 -20.49 -4.87
C ASN D 307 -15.05 -20.32 -5.13
N SER D 308 -15.90 -20.60 -4.15
CA SER D 308 -17.33 -20.24 -4.25
C SER D 308 -17.72 -19.28 -3.15
#